data_4CHI
#
_entry.id   4CHI
#
_cell.length_a   102.367
_cell.length_b   120.935
_cell.length_c   135.464
_cell.angle_alpha   90.00
_cell.angle_beta   90.00
_cell.angle_gamma   90.00
#
_symmetry.space_group_name_H-M   'C 2 2 21'
#
loop_
_entity.id
_entity.type
_entity.pdbx_description
1 polymer 'BRANCHED-CHAIN AMINO ACID AMINOTRANSFERASE'
2 non-polymer "PYRIDOXAL-5'-PHOSPHATE"
3 non-polymer 'PHOSPHATE ION'
4 non-polymer GLYCEROL
5 non-polymer 'SODIUM ION'
6 non-polymer 'POTASSIUM ION'
7 non-polymer 'CHLORIDE ION'
8 water water
#
_entity_poly.entity_id   1
_entity_poly.type   'polypeptide(L)'
_entity_poly.pdbx_seq_one_letter_code
;MASMDKVFSGYYARQKLLERSDNPFSKGIAYVEGKLVLPSDARIPLLDEGFMHSDLTYDVISVWDGRFFRLDDHLQRILE
SCDKMRLKFPLALSSVKNILAEMVAKSGIRDAFVEVIVTRGLTGVRGSKPEDLYNNNIYLLVLPYIWVMAPENQLHGGEA
IITRTVRRTPPGAFDPTIKNLQWGDLTKGLFEAMDRGATYPFLTDGDTNLTEGSGFNIVLVKNGIIYTPDRGVLRGITRK
SVIDVARANSIDIRLEVVPVEQAYHSDEIFMCTTAGGIMPITLLDGQPVNDGQVGPITKKIWDGYWEMHYNPAYSFPVDY
GSGSGSHHHHHH
;
_entity_poly.pdbx_strand_id   A,B
#
# COMPACT_ATOMS: atom_id res chain seq x y z
N ALA A 2 13.05 -26.37 -22.17
N ALA A 2 12.81 -26.88 -22.09
CA ALA A 2 14.20 -26.46 -23.11
CA ALA A 2 13.89 -27.16 -23.07
C ALA A 2 15.35 -25.85 -22.39
C ALA A 2 15.26 -27.00 -22.41
N SER A 3 16.49 -25.86 -23.04
N SER A 3 15.95 -25.88 -22.73
CA SER A 3 17.69 -25.49 -22.39
CA SER A 3 17.34 -25.56 -22.28
C SER A 3 17.73 -24.00 -22.33
C SER A 3 17.58 -24.01 -22.23
N MET A 4 18.53 -23.54 -21.41
CA MET A 4 18.79 -22.11 -21.28
C MET A 4 19.26 -21.49 -22.59
N ASP A 5 20.21 -22.13 -23.26
CA ASP A 5 20.71 -21.53 -24.47
C ASP A 5 19.61 -21.48 -25.57
N LYS A 6 18.78 -22.53 -25.67
CA LYS A 6 17.72 -22.49 -26.68
C LYS A 6 16.68 -21.42 -26.34
N VAL A 7 16.28 -21.37 -25.07
CA VAL A 7 15.27 -20.42 -24.66
C VAL A 7 15.77 -18.97 -24.85
N PHE A 8 16.97 -18.69 -24.37
CA PHE A 8 17.49 -17.34 -24.44
C PHE A 8 17.85 -16.91 -25.85
N SER A 9 18.43 -17.82 -26.65
CA SER A 9 18.77 -17.39 -28.02
CA SER A 9 18.76 -17.46 -28.04
CA SER A 9 18.75 -17.50 -28.05
C SER A 9 17.49 -17.04 -28.78
N GLY A 10 16.39 -17.76 -28.57
CA GLY A 10 15.15 -17.40 -29.17
C GLY A 10 14.64 -16.04 -28.72
N TYR A 11 14.68 -15.83 -27.42
CA TYR A 11 14.31 -14.53 -26.87
C TYR A 11 15.14 -13.39 -27.47
N TYR A 12 16.46 -13.56 -27.49
CA TYR A 12 17.30 -12.49 -28.03
CA TYR A 12 17.24 -12.44 -28.03
C TYR A 12 16.96 -12.15 -29.49
N ALA A 13 16.68 -13.20 -30.28
CA ALA A 13 16.33 -12.99 -31.68
C ALA A 13 15.02 -12.21 -31.79
N ARG A 14 14.02 -12.62 -31.00
CA ARG A 14 12.71 -11.97 -31.03
C ARG A 14 12.82 -10.51 -30.54
N GLN A 15 13.63 -10.28 -29.51
N GLN A 15 13.63 -10.31 -29.49
CA GLN A 15 13.84 -8.94 -29.01
CA GLN A 15 13.82 -9.00 -28.85
C GLN A 15 14.42 -8.04 -30.02
C GLN A 15 14.57 -8.01 -29.78
N LYS A 16 15.51 -8.52 -30.59
CA LYS A 16 16.22 -7.67 -31.49
CA LYS A 16 16.22 -7.69 -31.58
C LYS A 16 15.25 -7.22 -32.63
N LEU A 17 14.39 -8.13 -33.10
CA LEU A 17 13.36 -7.79 -34.09
C LEU A 17 12.37 -6.76 -33.54
N LEU A 18 11.89 -7.00 -32.32
CA LEU A 18 10.97 -6.04 -31.68
C LEU A 18 11.61 -4.64 -31.59
N GLU A 19 12.89 -4.58 -31.23
CA GLU A 19 13.57 -3.30 -31.04
C GLU A 19 13.74 -2.55 -32.36
N ARG A 20 13.71 -3.25 -33.49
N ARG A 20 13.74 -3.28 -33.50
CA ARG A 20 13.78 -2.59 -34.78
CA ARG A 20 13.74 -2.67 -34.83
C ARG A 20 12.39 -2.10 -35.26
C ARG A 20 12.36 -2.24 -35.34
N SER A 21 11.31 -2.50 -34.57
CA SER A 21 9.93 -2.16 -34.95
C SER A 21 9.67 -0.65 -34.95
N ASP A 22 8.90 -0.19 -35.93
N ASP A 22 8.91 -0.17 -35.92
CA ASP A 22 8.39 1.21 -35.99
CA ASP A 22 8.46 1.24 -35.92
C ASP A 22 6.97 1.33 -35.48
C ASP A 22 7.02 1.36 -35.41
N ASN A 23 6.51 0.26 -34.81
CA ASN A 23 5.18 0.29 -34.16
C ASN A 23 5.33 0.93 -32.77
N PRO A 24 4.67 2.09 -32.50
CA PRO A 24 4.93 2.72 -31.18
C PRO A 24 4.53 1.86 -30.02
N PHE A 25 3.59 0.94 -30.25
CA PHE A 25 3.16 0.01 -29.19
C PHE A 25 4.14 -1.13 -28.96
N SER A 26 5.26 -1.16 -29.68
CA SER A 26 6.29 -2.15 -29.41
CA SER A 26 6.33 -2.12 -29.43
C SER A 26 6.92 -1.96 -28.04
N LYS A 27 6.75 -0.76 -27.45
CA LYS A 27 7.26 -0.42 -26.12
C LYS A 27 6.20 -0.71 -25.04
N GLY A 28 5.03 -1.16 -25.44
CA GLY A 28 3.95 -1.46 -24.51
C GLY A 28 2.64 -0.75 -24.88
N ILE A 29 1.57 -1.16 -24.22
CA ILE A 29 0.23 -0.68 -24.46
C ILE A 29 -0.61 -0.83 -23.21
N ALA A 30 -1.47 0.15 -22.93
CA ALA A 30 -2.30 0.11 -21.76
C ALA A 30 -3.75 0.33 -22.14
N TYR A 31 -4.66 -0.15 -21.31
CA TYR A 31 -6.09 0.00 -21.53
CA TYR A 31 -6.10 -0.02 -21.53
C TYR A 31 -6.64 0.70 -20.30
N VAL A 32 -7.12 1.94 -20.49
CA VAL A 32 -7.57 2.80 -19.40
C VAL A 32 -8.86 3.45 -19.86
N GLU A 33 -9.93 3.27 -19.11
CA GLU A 33 -11.22 3.91 -19.41
C GLU A 33 -11.68 3.64 -20.84
N GLY A 34 -11.53 2.39 -21.25
CA GLY A 34 -11.99 1.93 -22.55
C GLY A 34 -11.16 2.32 -23.75
N LYS A 35 -9.99 2.90 -23.49
CA LYS A 35 -9.11 3.35 -24.56
C LYS A 35 -7.71 2.72 -24.46
N LEU A 36 -7.13 2.43 -25.63
CA LEU A 36 -5.77 1.96 -25.74
C LEU A 36 -4.87 3.14 -25.86
N VAL A 37 -3.80 3.15 -25.06
CA VAL A 37 -2.89 4.27 -24.98
CA VAL A 37 -2.94 4.29 -24.88
C VAL A 37 -1.49 3.76 -24.68
N LEU A 38 -0.47 4.55 -25.00
CA LEU A 38 0.91 4.20 -24.62
C LEU A 38 1.02 4.25 -23.09
N PRO A 39 1.80 3.33 -22.51
CA PRO A 39 1.85 3.36 -21.07
CA PRO A 39 1.95 3.32 -21.05
C PRO A 39 2.36 4.68 -20.46
N SER A 40 3.31 5.35 -21.11
CA SER A 40 3.80 6.60 -20.58
CA SER A 40 3.81 6.60 -20.59
C SER A 40 2.76 7.71 -20.61
N ASP A 41 1.78 7.58 -21.52
CA ASP A 41 0.69 8.52 -21.63
C ASP A 41 -0.54 8.18 -20.76
N ALA A 42 -0.59 6.97 -20.26
CA ALA A 42 -1.71 6.50 -19.47
C ALA A 42 -1.81 7.27 -18.15
N ARG A 43 -3.04 7.57 -17.76
CA ARG A 43 -3.30 8.35 -16.57
C ARG A 43 -4.45 7.73 -15.78
N ILE A 44 -4.35 7.88 -14.47
CA ILE A 44 -5.43 7.47 -13.62
CA ILE A 44 -5.29 7.40 -13.45
C ILE A 44 -5.91 8.64 -12.76
N PRO A 45 -7.18 8.57 -12.34
CA PRO A 45 -7.69 9.64 -11.48
C PRO A 45 -6.89 9.75 -10.17
N LEU A 46 -6.52 10.96 -9.77
CA LEU A 46 -5.89 11.20 -8.48
C LEU A 46 -6.70 10.60 -7.34
N LEU A 47 -8.03 10.72 -7.46
CA LEU A 47 -8.93 10.29 -6.40
C LEU A 47 -9.26 8.81 -6.43
N ASP A 48 -8.69 8.05 -7.37
CA ASP A 48 -8.88 6.60 -7.33
C ASP A 48 -8.29 6.07 -6.02
N GLU A 49 -9.06 5.28 -5.30
CA GLU A 49 -8.61 4.67 -4.03
C GLU A 49 -7.47 3.68 -4.22
N GLY A 50 -7.26 3.18 -5.45
CA GLY A 50 -6.07 2.41 -5.70
C GLY A 50 -4.80 3.22 -5.47
N PHE A 51 -4.90 4.54 -5.67
CA PHE A 51 -3.81 5.46 -5.31
C PHE A 51 -3.97 5.96 -3.87
N MET A 52 -5.16 6.48 -3.54
CA MET A 52 -5.43 7.16 -2.26
CA MET A 52 -5.33 7.18 -2.27
CA MET A 52 -5.31 7.17 -2.27
C MET A 52 -5.22 6.30 -1.03
N HIS A 53 -5.47 4.97 -1.15
CA HIS A 53 -5.27 4.04 -0.02
C HIS A 53 -4.72 2.69 -0.49
N SER A 54 -4.06 2.66 -1.67
CA SER A 54 -3.59 1.41 -2.25
C SER A 54 -4.61 0.30 -2.12
N ASP A 55 -5.87 0.64 -2.40
CA ASP A 55 -6.97 -0.28 -2.13
C ASP A 55 -7.30 -1.00 -3.42
N LEU A 56 -6.50 -2.05 -3.68
CA LEU A 56 -6.49 -2.72 -4.97
C LEU A 56 -5.91 -4.11 -4.81
N THR A 57 -6.15 -4.93 -5.85
CA THR A 57 -5.42 -6.16 -6.07
CA THR A 57 -5.41 -6.17 -6.08
C THR A 57 -4.93 -6.16 -7.53
N TYR A 58 -4.03 -7.07 -7.86
CA TYR A 58 -3.51 -7.15 -9.22
C TYR A 58 -3.10 -8.55 -9.52
N ASP A 59 -2.75 -8.80 -10.79
CA ASP A 59 -2.12 -10.05 -11.15
C ASP A 59 -1.25 -9.81 -12.39
N VAL A 60 -0.31 -10.71 -12.64
CA VAL A 60 0.65 -10.59 -13.75
C VAL A 60 0.74 -11.94 -14.46
N ILE A 61 0.58 -11.87 -15.79
CA ILE A 61 0.64 -13.02 -16.66
C ILE A 61 1.75 -12.79 -17.67
N SER A 62 2.40 -13.86 -18.12
CA SER A 62 3.38 -13.77 -19.20
C SER A 62 2.84 -14.29 -20.51
N VAL A 63 3.42 -13.72 -21.57
CA VAL A 63 3.37 -14.24 -22.94
C VAL A 63 4.83 -14.58 -23.29
N TRP A 64 5.07 -15.78 -23.81
CA TRP A 64 6.41 -16.21 -24.17
C TRP A 64 6.35 -16.79 -25.56
N ASP A 65 7.19 -16.27 -26.48
CA ASP A 65 7.21 -16.81 -27.85
C ASP A 65 5.80 -16.80 -28.41
N GLY A 66 5.05 -15.73 -28.11
CA GLY A 66 3.71 -15.58 -28.61
C GLY A 66 2.63 -16.39 -27.95
N ARG A 67 2.96 -17.07 -26.85
CA ARG A 67 2.01 -17.96 -26.17
C ARG A 67 1.70 -17.44 -24.77
N PHE A 68 0.41 -17.19 -24.49
CA PHE A 68 0.01 -16.89 -23.09
C PHE A 68 0.25 -18.14 -22.22
N PHE A 69 0.79 -17.90 -21.03
CA PHE A 69 1.10 -18.99 -20.10
C PHE A 69 0.16 -18.95 -18.87
N ARG A 70 -0.66 -19.99 -18.75
CA ARG A 70 -1.52 -20.21 -17.57
C ARG A 70 -2.46 -19.02 -17.34
N LEU A 71 -2.98 -18.41 -18.39
CA LEU A 71 -3.86 -17.25 -18.25
C LEU A 71 -5.07 -17.55 -17.41
N ASP A 72 -5.69 -18.70 -17.62
CA ASP A 72 -6.86 -19.10 -16.83
CA ASP A 72 -6.88 -19.01 -16.84
C ASP A 72 -6.57 -19.16 -15.33
N ASP A 73 -5.40 -19.69 -14.99
CA ASP A 73 -5.03 -19.78 -13.57
CA ASP A 73 -5.07 -19.79 -13.56
C ASP A 73 -4.87 -18.38 -12.95
N HIS A 74 -4.23 -17.48 -13.70
CA HIS A 74 -4.08 -16.13 -13.20
C HIS A 74 -5.40 -15.41 -13.06
N LEU A 75 -6.30 -15.59 -14.02
CA LEU A 75 -7.60 -14.96 -13.91
C LEU A 75 -8.41 -15.52 -12.76
N GLN A 76 -8.34 -16.83 -12.52
CA GLN A 76 -8.98 -17.38 -11.36
C GLN A 76 -8.41 -16.79 -10.06
N ARG A 77 -7.09 -16.62 -10.02
CA ARG A 77 -6.47 -16.05 -8.83
C ARG A 77 -6.94 -14.62 -8.61
N ILE A 78 -7.01 -13.85 -9.71
N ILE A 78 -7.00 -13.80 -9.64
N ILE A 78 -7.04 -13.81 -9.65
CA ILE A 78 -7.49 -12.45 -9.65
CA ILE A 78 -7.42 -12.44 -9.33
CA ILE A 78 -7.51 -12.43 -9.39
C ILE A 78 -8.91 -12.39 -9.06
C ILE A 78 -8.94 -12.35 -9.04
C ILE A 78 -8.95 -12.38 -8.98
N LEU A 79 -9.75 -13.32 -9.48
CA LEU A 79 -11.14 -13.40 -8.99
C LEU A 79 -11.19 -13.71 -7.52
N GLU A 80 -10.31 -14.62 -7.08
CA GLU A 80 -10.24 -14.95 -5.64
CA GLU A 80 -10.22 -14.95 -5.65
C GLU A 80 -9.73 -13.75 -4.84
N SER A 81 -8.72 -13.05 -5.37
CA SER A 81 -8.22 -11.88 -4.69
C SER A 81 -9.31 -10.81 -4.56
N CYS A 82 -10.07 -10.61 -5.65
CA CYS A 82 -11.17 -9.66 -5.60
CA CYS A 82 -11.22 -9.73 -5.71
C CYS A 82 -12.20 -10.07 -4.56
N ASP A 83 -12.57 -11.34 -4.51
CA ASP A 83 -13.54 -11.78 -3.52
CA ASP A 83 -13.55 -11.79 -3.49
CA ASP A 83 -13.54 -11.84 -3.51
C ASP A 83 -13.01 -11.51 -2.10
N LYS A 84 -11.73 -11.86 -1.85
CA LYS A 84 -11.14 -11.63 -0.52
C LYS A 84 -11.10 -10.16 -0.16
N MET A 85 -10.95 -9.28 -1.16
CA MET A 85 -10.91 -7.83 -1.00
CA MET A 85 -10.93 -7.83 -0.89
C MET A 85 -12.28 -7.15 -0.97
N ARG A 86 -13.35 -7.92 -1.21
CA ARG A 86 -14.72 -7.41 -1.32
CA ARG A 86 -14.72 -7.37 -1.36
C ARG A 86 -14.90 -6.47 -2.57
N LEU A 87 -14.06 -6.71 -3.58
N LEU A 87 -14.11 -6.72 -3.59
CA LEU A 87 -14.12 -6.02 -4.89
CA LEU A 87 -14.28 -6.04 -4.86
C LEU A 87 -14.91 -6.87 -5.91
C LEU A 87 -15.22 -6.85 -5.72
N LYS A 88 -15.70 -6.20 -6.76
CA LYS A 88 -16.49 -6.81 -7.84
CA LYS A 88 -16.41 -6.88 -7.84
C LYS A 88 -15.65 -6.68 -9.11
N PHE A 89 -15.19 -7.79 -9.70
CA PHE A 89 -14.35 -7.70 -10.89
C PHE A 89 -15.25 -7.09 -11.98
N PRO A 90 -14.82 -5.99 -12.61
CA PRO A 90 -15.79 -5.18 -13.34
C PRO A 90 -16.02 -5.52 -14.80
N LEU A 91 -15.35 -6.54 -15.32
CA LEU A 91 -15.56 -7.02 -16.70
C LEU A 91 -15.83 -8.51 -16.70
N ALA A 92 -16.57 -8.97 -17.70
CA ALA A 92 -16.65 -10.41 -17.93
C ALA A 92 -15.24 -10.97 -18.17
N LEU A 93 -14.98 -12.19 -17.66
CA LEU A 93 -13.69 -12.83 -17.92
C LEU A 93 -13.44 -12.97 -19.40
N SER A 94 -14.46 -13.36 -20.17
CA SER A 94 -14.30 -13.51 -21.60
C SER A 94 -13.85 -12.19 -22.24
N SER A 95 -14.38 -11.08 -21.74
CA SER A 95 -14.04 -9.76 -22.25
CA SER A 95 -14.03 -9.77 -22.28
C SER A 95 -12.58 -9.41 -21.96
N VAL A 96 -12.16 -9.63 -20.70
CA VAL A 96 -10.78 -9.36 -20.33
CA VAL A 96 -10.80 -9.32 -20.35
C VAL A 96 -9.83 -10.21 -21.15
N LYS A 97 -10.18 -11.50 -21.35
CA LYS A 97 -9.28 -12.36 -22.12
C LYS A 97 -9.14 -11.79 -23.55
N ASN A 98 -10.26 -11.39 -24.18
CA ASN A 98 -10.22 -10.89 -25.53
C ASN A 98 -9.46 -9.59 -25.61
N ILE A 99 -9.64 -8.71 -24.64
CA ILE A 99 -8.95 -7.43 -24.66
C ILE A 99 -7.44 -7.61 -24.51
N LEU A 100 -7.03 -8.48 -23.59
CA LEU A 100 -5.61 -8.72 -23.37
C LEU A 100 -4.99 -9.27 -24.65
N ALA A 101 -5.65 -10.24 -25.28
CA ALA A 101 -5.08 -10.81 -26.52
C ALA A 101 -4.99 -9.75 -27.63
N GLU A 102 -6.01 -8.88 -27.70
CA GLU A 102 -6.01 -7.80 -28.67
CA GLU A 102 -6.03 -7.77 -28.67
C GLU A 102 -4.83 -6.84 -28.41
N MET A 103 -4.59 -6.52 -27.14
CA MET A 103 -3.48 -5.65 -26.76
C MET A 103 -2.12 -6.26 -27.16
N VAL A 104 -1.94 -7.53 -26.82
CA VAL A 104 -0.67 -8.19 -27.15
C VAL A 104 -0.50 -8.18 -28.68
N ALA A 105 -1.52 -8.59 -29.42
CA ALA A 105 -1.44 -8.62 -30.88
C ALA A 105 -1.07 -7.22 -31.47
N LYS A 106 -1.75 -6.18 -30.97
CA LYS A 106 -1.52 -4.81 -31.48
C LYS A 106 -0.08 -4.36 -31.22
N SER A 107 0.48 -4.75 -30.07
CA SER A 107 1.86 -4.37 -29.72
C SER A 107 2.92 -5.06 -30.58
N GLY A 108 2.58 -6.26 -31.09
CA GLY A 108 3.55 -7.14 -31.73
C GLY A 108 4.53 -7.81 -30.79
N ILE A 109 4.37 -7.60 -29.47
CA ILE A 109 5.33 -8.13 -28.48
C ILE A 109 5.09 -9.64 -28.32
N ARG A 110 6.13 -10.45 -28.57
CA ARG A 110 6.05 -11.88 -28.44
C ARG A 110 6.38 -12.38 -27.03
N ASP A 111 7.19 -11.62 -26.28
CA ASP A 111 7.58 -11.96 -24.91
C ASP A 111 7.15 -10.76 -24.05
N ALA A 112 6.08 -10.96 -23.28
CA ALA A 112 5.37 -9.85 -22.64
C ALA A 112 5.12 -10.11 -21.18
N PHE A 113 5.05 -9.00 -20.46
CA PHE A 113 4.58 -8.85 -19.07
C PHE A 113 3.20 -8.22 -19.14
N VAL A 114 2.19 -8.90 -18.58
CA VAL A 114 0.78 -8.48 -18.71
C VAL A 114 0.20 -8.29 -17.31
N GLU A 115 -0.15 -7.06 -16.97
CA GLU A 115 -0.61 -6.71 -15.63
CA GLU A 115 -0.61 -6.71 -15.62
C GLU A 115 -2.08 -6.28 -15.67
N VAL A 116 -2.86 -6.83 -14.71
CA VAL A 116 -4.28 -6.53 -14.53
C VAL A 116 -4.44 -5.96 -13.11
N ILE A 117 -5.01 -4.75 -12.99
CA ILE A 117 -5.15 -4.09 -11.69
C ILE A 117 -6.63 -3.77 -11.49
N VAL A 118 -7.18 -4.14 -10.34
CA VAL A 118 -8.55 -3.82 -9.99
C VAL A 118 -8.52 -3.01 -8.68
N THR A 119 -9.08 -1.79 -8.74
CA THR A 119 -9.07 -0.91 -7.59
C THR A 119 -10.48 -0.70 -7.04
N ARG A 120 -10.53 -0.21 -5.80
CA ARG A 120 -11.79 0.12 -5.17
CA ARG A 120 -11.79 0.10 -5.15
C ARG A 120 -12.58 1.16 -5.93
N GLY A 121 -11.92 2.06 -6.68
CA GLY A 121 -12.64 3.11 -7.40
C GLY A 121 -12.62 4.42 -6.65
N LEU A 122 -13.61 5.27 -6.91
CA LEU A 122 -13.58 6.65 -6.45
C LEU A 122 -14.17 6.84 -5.07
N THR A 123 -14.89 5.86 -4.53
CA THR A 123 -15.47 5.96 -3.19
C THR A 123 -14.65 5.13 -2.22
N GLY A 124 -14.11 5.81 -1.21
CA GLY A 124 -13.31 5.15 -0.17
C GLY A 124 -14.17 4.39 0.81
N VAL A 125 -13.56 3.39 1.45
CA VAL A 125 -14.27 2.54 2.38
C VAL A 125 -14.76 3.31 3.61
N ARG A 126 -13.87 4.13 4.20
N ARG A 126 -13.95 4.19 4.17
CA ARG A 126 -14.09 4.88 5.49
CA ARG A 126 -14.44 4.83 5.36
C ARG A 126 -15.38 5.75 5.39
C ARG A 126 -15.72 5.58 5.03
N GLY A 127 -16.43 5.46 6.20
N GLY A 127 -16.74 5.28 5.84
CA GLY A 127 -17.66 6.24 6.19
CA GLY A 127 -17.97 6.06 5.87
C GLY A 127 -18.77 5.79 5.26
C GLY A 127 -18.99 5.49 4.93
N SER A 128 -18.63 4.61 4.67
N SER A 128 -18.54 4.55 4.12
CA SER A 128 -19.49 4.20 3.53
CA SER A 128 -19.40 4.09 3.08
C SER A 128 -20.19 2.81 3.57
C SER A 128 -20.20 2.87 3.57
N LYS A 129 -21.38 2.72 2.98
CA LYS A 129 -22.16 1.47 3.02
C LYS A 129 -21.47 0.44 2.08
N PRO A 130 -21.44 -0.87 2.43
CA PRO A 130 -20.87 -1.88 1.51
CA PRO A 130 -20.86 -1.85 1.50
C PRO A 130 -21.44 -1.79 0.09
N GLU A 131 -22.75 -1.47 -0.03
CA GLU A 131 -23.37 -1.50 -1.35
CA GLU A 131 -23.42 -1.47 -1.32
C GLU A 131 -22.93 -0.33 -2.23
N ASP A 132 -22.26 0.68 -1.64
CA ASP A 132 -21.74 1.79 -2.41
CA ASP A 132 -21.72 1.84 -2.33
C ASP A 132 -20.28 1.64 -2.77
N LEU A 133 -19.70 0.45 -2.53
CA LEU A 133 -18.28 0.19 -2.74
C LEU A 133 -17.97 -0.81 -3.83
N TYR A 134 -18.89 -0.96 -4.79
CA TYR A 134 -18.75 -1.94 -5.86
C TYR A 134 -18.55 -1.31 -7.26
N ASN A 135 -18.38 0.00 -7.35
CA ASN A 135 -18.04 0.64 -8.61
CA ASN A 135 -18.05 0.64 -8.62
C ASN A 135 -16.53 0.68 -8.71
N ASN A 136 -15.94 -0.45 -9.07
CA ASN A 136 -14.52 -0.69 -9.00
C ASN A 136 -13.88 -0.52 -10.37
N ASN A 137 -12.63 -0.06 -10.40
CA ASN A 137 -11.95 0.27 -11.64
C ASN A 137 -10.97 -0.81 -12.05
N ILE A 138 -10.73 -0.91 -13.35
CA ILE A 138 -9.77 -1.87 -13.89
C ILE A 138 -8.82 -1.17 -14.83
N TYR A 139 -7.53 -1.53 -14.75
CA TYR A 139 -6.48 -1.04 -15.63
C TYR A 139 -5.70 -2.23 -16.15
N LEU A 140 -5.39 -2.22 -17.46
CA LEU A 140 -4.62 -3.30 -18.08
C LEU A 140 -3.34 -2.72 -18.68
N LEU A 141 -2.25 -3.47 -18.57
CA LEU A 141 -0.95 -3.01 -19.01
C LEU A 141 -0.19 -4.19 -19.64
N VAL A 142 0.33 -3.97 -20.84
CA VAL A 142 1.20 -4.93 -21.52
C VAL A 142 2.55 -4.24 -21.77
N LEU A 143 3.61 -4.86 -21.31
CA LEU A 143 4.97 -4.37 -21.50
C LEU A 143 5.87 -5.47 -22.06
N PRO A 144 6.98 -5.08 -22.67
CA PRO A 144 8.00 -6.08 -22.92
C PRO A 144 8.33 -6.88 -21.64
N TYR A 145 8.58 -8.18 -21.80
CA TYR A 145 8.87 -9.07 -20.67
C TYR A 145 9.92 -8.46 -19.76
N ILE A 146 9.60 -8.47 -18.46
CA ILE A 146 10.44 -7.96 -17.38
C ILE A 146 11.14 -9.12 -16.70
N TRP A 147 12.45 -8.96 -16.46
CA TRP A 147 13.27 -9.97 -15.83
C TRP A 147 13.67 -9.55 -14.41
N VAL A 148 13.17 -10.25 -13.39
CA VAL A 148 13.70 -10.02 -12.04
C VAL A 148 15.18 -10.50 -11.92
N MET A 149 15.57 -11.45 -12.77
CA MET A 149 16.97 -11.82 -12.95
C MET A 149 17.16 -11.88 -14.46
N ALA A 150 18.07 -11.09 -15.01
CA ALA A 150 18.35 -11.07 -16.45
C ALA A 150 18.82 -12.42 -16.93
N PRO A 151 18.53 -12.76 -18.18
CA PRO A 151 19.00 -14.05 -18.73
C PRO A 151 20.45 -14.35 -18.46
N GLU A 152 21.32 -13.39 -18.72
CA GLU A 152 22.76 -13.62 -18.59
CA GLU A 152 22.77 -13.61 -18.58
C GLU A 152 23.14 -14.03 -17.14
N ASN A 153 22.38 -13.51 -16.17
CA ASN A 153 22.65 -13.76 -14.77
CA ASN A 153 22.68 -13.79 -14.77
C ASN A 153 22.14 -15.15 -14.33
N GLN A 154 21.15 -15.68 -15.03
CA GLN A 154 20.59 -16.97 -14.67
C GLN A 154 21.58 -18.09 -14.86
N LEU A 155 22.54 -17.91 -15.79
CA LEU A 155 23.53 -18.91 -16.07
CA LEU A 155 23.52 -18.99 -16.02
C LEU A 155 24.37 -19.28 -14.80
N HIS A 156 24.72 -18.25 -14.02
CA HIS A 156 25.58 -18.34 -12.85
CA HIS A 156 25.53 -18.51 -12.83
C HIS A 156 24.88 -18.18 -11.51
N GLY A 157 23.66 -17.65 -11.54
CA GLY A 157 22.90 -17.37 -10.34
C GLY A 157 23.22 -16.02 -9.73
N GLY A 158 22.36 -15.64 -8.80
CA GLY A 158 22.45 -14.36 -8.15
C GLY A 158 22.72 -14.38 -6.65
N GLU A 159 22.70 -13.18 -6.06
CA GLU A 159 23.15 -12.95 -4.70
C GLU A 159 21.99 -12.49 -3.85
N ALA A 160 21.71 -13.26 -2.79
CA ALA A 160 20.62 -12.98 -1.88
C ALA A 160 21.12 -12.67 -0.47
N ILE A 161 20.22 -12.05 0.30
N ILE A 161 20.23 -12.05 0.30
CA ILE A 161 20.45 -11.89 1.77
CA ILE A 161 20.42 -11.92 1.75
C ILE A 161 19.18 -12.27 2.50
C ILE A 161 19.17 -12.41 2.45
N ILE A 162 19.35 -12.83 3.70
CA ILE A 162 18.23 -12.92 4.65
C ILE A 162 18.13 -11.53 5.30
N THR A 163 16.95 -10.90 5.13
CA THR A 163 16.83 -9.54 5.64
C THR A 163 16.85 -9.50 7.15
N ARG A 164 17.46 -8.43 7.66
CA ARG A 164 17.56 -8.18 9.09
C ARG A 164 17.01 -6.83 9.52
N THR A 165 16.65 -5.96 8.55
CA THR A 165 16.05 -4.66 8.85
C THR A 165 14.56 -4.65 8.61
N VAL A 166 14.03 -5.74 8.02
CA VAL A 166 12.63 -5.81 7.65
C VAL A 166 12.21 -7.27 7.73
N ARG A 167 10.93 -7.48 8.03
CA ARG A 167 10.29 -8.78 7.97
C ARG A 167 8.99 -8.63 7.18
N ARG A 168 8.42 -9.77 6.71
CA ARG A 168 7.26 -9.74 5.87
C ARG A 168 6.05 -9.28 6.66
N THR A 169 5.19 -8.48 6.03
CA THR A 169 3.92 -8.17 6.64
CA THR A 169 3.87 -8.14 6.57
C THR A 169 3.17 -9.47 6.94
N PRO A 170 2.74 -9.67 8.20
CA PRO A 170 2.14 -10.96 8.55
C PRO A 170 0.72 -11.10 8.04
N PRO A 171 0.22 -12.34 7.91
CA PRO A 171 -1.13 -12.53 7.38
C PRO A 171 -2.24 -11.85 8.16
N GLY A 172 -2.05 -11.71 9.49
CA GLY A 172 -3.06 -11.02 10.27
C GLY A 172 -3.10 -9.51 10.04
N ALA A 173 -2.07 -8.95 9.41
CA ALA A 173 -2.11 -7.58 8.93
C ALA A 173 -2.60 -7.46 7.51
N PHE A 174 -2.14 -8.34 6.63
CA PHE A 174 -2.64 -8.38 5.27
CA PHE A 174 -2.58 -8.35 5.21
C PHE A 174 -2.43 -9.79 4.75
N ASP A 175 -3.47 -10.37 4.16
CA ASP A 175 -3.40 -11.75 3.67
C ASP A 175 -2.49 -11.81 2.43
N PRO A 176 -1.28 -12.44 2.52
CA PRO A 176 -0.34 -12.42 1.41
C PRO A 176 -0.76 -13.28 0.23
N THR A 177 -1.85 -14.07 0.38
CA THR A 177 -2.39 -14.76 -0.76
C THR A 177 -3.17 -13.83 -1.68
N ILE A 178 -3.47 -12.62 -1.21
CA ILE A 178 -4.05 -11.59 -2.05
C ILE A 178 -2.90 -10.81 -2.69
N LYS A 179 -2.65 -10.97 -4.01
N LYS A 179 -2.72 -10.94 -4.00
CA LYS A 179 -1.52 -10.28 -4.64
CA LYS A 179 -1.63 -10.23 -4.59
C LYS A 179 -1.81 -8.77 -4.63
C LYS A 179 -1.92 -8.74 -4.44
N ASN A 180 -0.89 -7.99 -4.06
CA ASN A 180 -1.15 -6.57 -3.77
C ASN A 180 0.11 -5.74 -3.98
N LEU A 181 -0.12 -4.43 -4.07
CA LEU A 181 0.92 -3.46 -4.37
C LEU A 181 1.40 -2.66 -3.15
N GLN A 182 1.01 -3.14 -1.95
CA GLN A 182 1.45 -2.52 -0.70
C GLN A 182 2.81 -3.10 -0.33
N TRP A 183 3.82 -2.63 -1.07
CA TRP A 183 5.15 -3.22 -1.01
C TRP A 183 6.06 -2.59 0.02
N GLY A 184 5.53 -1.99 1.09
CA GLY A 184 6.45 -1.26 1.96
C GLY A 184 7.57 -2.08 2.55
N ASP A 185 7.27 -3.32 2.94
CA ASP A 185 8.30 -4.25 3.42
C ASP A 185 9.26 -4.70 2.30
N LEU A 186 8.66 -5.09 1.17
CA LEU A 186 9.44 -5.61 0.06
C LEU A 186 10.40 -4.54 -0.53
N THR A 187 9.91 -3.30 -0.65
CA THR A 187 10.72 -2.19 -1.09
C THR A 187 11.89 -1.95 -0.14
N LYS A 188 11.60 -1.95 1.15
CA LYS A 188 12.69 -1.81 2.13
C LYS A 188 13.68 -2.94 2.00
N GLY A 189 13.18 -4.17 1.77
CA GLY A 189 14.09 -5.28 1.52
C GLY A 189 15.02 -5.06 0.34
N LEU A 190 14.49 -4.46 -0.74
CA LEU A 190 15.30 -4.15 -1.90
C LEU A 190 16.43 -3.19 -1.52
N PHE A 191 16.10 -2.13 -0.76
CA PHE A 191 17.10 -1.22 -0.29
C PHE A 191 18.14 -1.89 0.64
N GLU A 192 17.67 -2.76 1.53
CA GLU A 192 18.61 -3.46 2.42
C GLU A 192 19.59 -4.28 1.59
N ALA A 193 19.09 -4.97 0.57
CA ALA A 193 19.98 -5.75 -0.31
C ALA A 193 21.02 -4.85 -0.94
N MET A 194 20.56 -3.71 -1.50
CA MET A 194 21.51 -2.72 -2.03
CA MET A 194 21.48 -2.68 -2.04
CA MET A 194 21.52 -2.75 -2.05
C MET A 194 22.57 -2.32 -1.02
N ASP A 195 22.13 -1.98 0.18
CA ASP A 195 23.04 -1.53 1.21
C ASP A 195 24.09 -2.59 1.59
N ARG A 196 23.68 -3.87 1.51
CA ARG A 196 24.52 -5.00 1.90
C ARG A 196 25.27 -5.62 0.72
N GLY A 197 25.18 -5.03 -0.48
CA GLY A 197 25.93 -5.53 -1.62
C GLY A 197 25.35 -6.78 -2.26
N ALA A 198 24.07 -6.99 -2.12
CA ALA A 198 23.37 -8.10 -2.71
C ALA A 198 22.24 -7.57 -3.61
N THR A 199 21.46 -8.47 -4.18
CA THR A 199 20.39 -8.10 -5.08
C THR A 199 19.00 -8.50 -4.58
N TYR A 200 18.87 -9.69 -3.99
CA TYR A 200 17.58 -10.29 -3.70
C TYR A 200 17.36 -10.44 -2.21
N PRO A 201 16.29 -9.81 -1.68
CA PRO A 201 15.98 -9.94 -0.26
C PRO A 201 15.07 -11.15 -0.01
N PHE A 202 15.42 -11.97 0.98
CA PHE A 202 14.58 -13.05 1.46
C PHE A 202 14.08 -12.60 2.83
N LEU A 203 12.77 -12.33 2.93
CA LEU A 203 12.20 -11.83 4.19
C LEU A 203 11.76 -12.98 5.10
N THR A 204 12.03 -12.84 6.39
N THR A 204 11.86 -12.80 6.42
CA THR A 204 11.51 -13.79 7.33
CA THR A 204 11.40 -13.81 7.41
C THR A 204 10.15 -13.32 7.75
C THR A 204 9.98 -13.51 7.95
N ASP A 205 9.60 -14.12 8.62
N ASP A 205 9.28 -14.51 8.48
CA ASP A 205 8.44 -13.75 9.35
CA ASP A 205 7.92 -14.37 9.01
C ASP A 205 8.74 -13.17 10.74
C ASP A 205 7.80 -13.73 10.40
N GLY A 206 10.01 -12.98 11.04
N GLY A 206 8.88 -13.07 10.84
CA GLY A 206 10.42 -12.57 12.36
CA GLY A 206 8.93 -12.55 12.19
C GLY A 206 10.31 -13.74 13.34
C GLY A 206 9.09 -13.57 13.31
N ASP A 207 9.53 -14.81 12.97
CA ASP A 207 9.49 -15.93 13.90
C ASP A 207 10.42 -17.04 13.49
N THR A 208 11.49 -16.70 12.78
CA THR A 208 12.57 -17.62 12.44
CA THR A 208 12.62 -17.48 12.32
C THR A 208 12.39 -18.41 11.14
N ASN A 209 11.33 -18.13 10.39
CA ASN A 209 11.06 -18.86 9.17
C ASN A 209 11.14 -17.96 7.93
N LEU A 210 11.44 -18.62 6.79
CA LEU A 210 11.41 -17.93 5.51
C LEU A 210 9.99 -17.68 5.04
N THR A 211 9.80 -16.58 4.30
CA THR A 211 8.54 -16.33 3.61
C THR A 211 8.82 -16.25 2.12
N GLU A 212 8.89 -15.04 1.58
CA GLU A 212 9.10 -14.78 0.15
C GLU A 212 9.97 -13.55 0.05
N GLY A 213 10.25 -13.15 -1.18
CA GLY A 213 11.00 -11.96 -1.46
C GLY A 213 10.20 -10.90 -2.15
N SER A 214 10.94 -9.93 -2.72
CA SER A 214 10.37 -8.80 -3.45
CA SER A 214 10.33 -8.80 -3.39
C SER A 214 9.91 -9.19 -4.83
N GLY A 215 8.78 -9.87 -4.88
CA GLY A 215 8.21 -10.29 -6.15
C GLY A 215 8.52 -11.70 -6.58
N PHE A 216 8.86 -12.59 -5.63
CA PHE A 216 9.17 -13.98 -5.98
C PHE A 216 8.97 -14.86 -4.76
N ASN A 217 8.72 -16.14 -5.03
CA ASN A 217 8.76 -17.16 -3.99
C ASN A 217 10.18 -17.73 -3.88
N ILE A 218 10.46 -18.35 -2.72
CA ILE A 218 11.77 -18.89 -2.36
C ILE A 218 11.68 -20.42 -2.31
N VAL A 219 12.65 -21.09 -2.96
CA VAL A 219 12.70 -22.57 -2.99
C VAL A 219 14.09 -23.03 -2.56
N LEU A 220 14.13 -23.99 -1.61
CA LEU A 220 15.38 -24.62 -1.20
C LEU A 220 15.41 -26.06 -1.71
N VAL A 221 16.61 -26.56 -1.93
CA VAL A 221 16.78 -27.96 -2.31
C VAL A 221 17.82 -28.56 -1.36
N LYS A 222 17.49 -29.70 -0.73
CA LYS A 222 18.37 -30.35 0.22
CA LYS A 222 18.42 -30.36 0.17
C LYS A 222 18.21 -31.86 0.13
N ASN A 223 19.30 -32.57 -0.08
CA ASN A 223 19.29 -34.04 -0.15
C ASN A 223 18.24 -34.58 -1.09
N GLY A 224 18.12 -33.91 -2.24
CA GLY A 224 17.24 -34.39 -3.32
C GLY A 224 15.76 -34.02 -3.20
N ILE A 225 15.41 -33.25 -2.14
CA ILE A 225 14.03 -32.87 -1.87
C ILE A 225 13.94 -31.34 -1.99
N ILE A 226 12.82 -30.87 -2.54
CA ILE A 226 12.55 -29.45 -2.70
C ILE A 226 11.66 -28.99 -1.55
N TYR A 227 11.94 -27.80 -1.01
CA TYR A 227 11.19 -27.25 0.11
C TYR A 227 10.76 -25.81 -0.21
N THR A 228 9.53 -25.44 0.15
CA THR A 228 9.13 -24.05 -0.04
C THR A 228 8.08 -23.68 1.01
N PRO A 229 8.10 -22.43 1.53
CA PRO A 229 7.14 -22.07 2.58
C PRO A 229 5.68 -22.26 2.20
N ASP A 230 4.88 -22.73 3.16
CA ASP A 230 3.48 -22.98 2.91
C ASP A 230 2.50 -21.93 3.40
N ARG A 231 2.98 -20.90 4.01
CA ARG A 231 2.12 -19.82 4.48
CA ARG A 231 2.16 -19.84 4.65
C ARG A 231 2.96 -18.56 4.60
N GLY A 232 2.26 -17.41 4.65
CA GLY A 232 2.94 -16.14 4.72
C GLY A 232 3.36 -15.56 3.37
N VAL A 233 2.92 -16.22 2.28
CA VAL A 233 3.41 -15.95 0.96
C VAL A 233 2.29 -15.99 -0.08
N LEU A 234 2.57 -15.44 -1.24
CA LEU A 234 1.68 -15.63 -2.38
C LEU A 234 1.74 -17.09 -2.83
N ARG A 235 0.60 -17.66 -3.25
CA ARG A 235 0.60 -19.00 -3.85
C ARG A 235 0.94 -18.81 -5.33
N GLY A 236 2.24 -18.68 -5.60
CA GLY A 236 2.68 -18.33 -6.94
C GLY A 236 2.28 -19.35 -7.98
N ILE A 237 1.98 -18.84 -9.18
CA ILE A 237 1.72 -19.78 -10.28
CA ILE A 237 1.72 -19.72 -10.33
C ILE A 237 3.03 -20.33 -10.88
N THR A 238 4.14 -19.59 -10.72
CA THR A 238 5.42 -20.20 -11.06
C THR A 238 5.72 -21.32 -10.07
N ARG A 239 5.48 -21.08 -8.78
CA ARG A 239 5.63 -22.13 -7.77
C ARG A 239 4.74 -23.34 -8.08
N LYS A 240 3.49 -23.08 -8.47
CA LYS A 240 2.56 -24.14 -8.88
CA LYS A 240 2.58 -24.17 -8.87
C LYS A 240 3.20 -24.98 -9.99
N SER A 241 3.77 -24.28 -10.97
CA SER A 241 4.44 -24.92 -12.11
C SER A 241 5.69 -25.73 -11.64
N VAL A 242 6.43 -25.21 -10.66
CA VAL A 242 7.56 -25.96 -10.09
C VAL A 242 7.08 -27.28 -9.48
N ILE A 243 5.95 -27.21 -8.77
CA ILE A 243 5.34 -28.41 -8.20
C ILE A 243 4.97 -29.41 -9.30
N ASP A 244 4.42 -28.91 -10.41
CA ASP A 244 4.10 -29.81 -11.53
C ASP A 244 5.33 -30.45 -12.12
N VAL A 245 6.39 -29.66 -12.31
CA VAL A 245 7.62 -30.21 -12.89
C VAL A 245 8.25 -31.24 -11.93
N ALA A 246 8.23 -30.94 -10.64
CA ALA A 246 8.72 -31.89 -9.65
C ALA A 246 7.94 -33.20 -9.76
N ARG A 247 6.61 -33.12 -9.86
CA ARG A 247 5.81 -34.35 -10.01
C ARG A 247 6.25 -35.13 -11.26
N ALA A 248 6.40 -34.42 -12.38
CA ALA A 248 6.78 -35.08 -13.63
C ALA A 248 8.13 -35.76 -13.55
N ASN A 249 9.03 -35.21 -12.72
CA ASN A 249 10.37 -35.73 -12.55
C ASN A 249 10.56 -36.66 -11.35
N SER A 250 9.47 -37.00 -10.66
CA SER A 250 9.54 -37.82 -9.49
C SER A 250 10.48 -37.27 -8.41
N ILE A 251 10.43 -35.94 -8.23
CA ILE A 251 11.16 -35.25 -7.20
C ILE A 251 10.18 -34.86 -6.09
N ASP A 252 10.47 -35.24 -4.85
CA ASP A 252 9.59 -34.87 -3.76
CA ASP A 252 9.68 -34.89 -3.69
C ASP A 252 9.69 -33.37 -3.51
N ILE A 253 8.54 -32.76 -3.28
N ILE A 253 8.49 -32.84 -3.27
CA ILE A 253 8.49 -31.33 -2.95
CA ILE A 253 8.27 -31.47 -2.86
C ILE A 253 7.56 -31.20 -1.74
C ILE A 253 7.64 -31.42 -1.48
N ARG A 254 8.04 -30.42 -0.74
CA ARG A 254 7.43 -30.20 0.54
C ARG A 254 7.07 -28.74 0.70
N LEU A 255 5.75 -28.53 0.81
CA LEU A 255 5.18 -27.24 1.06
CA LEU A 255 5.21 -27.19 1.11
C LEU A 255 4.94 -27.21 2.58
N GLU A 256 5.80 -26.50 3.32
CA GLU A 256 5.76 -26.60 4.79
C GLU A 256 6.48 -25.36 5.35
N VAL A 257 6.53 -25.26 6.67
N VAL A 257 6.46 -25.14 6.66
CA VAL A 257 7.31 -24.18 7.26
CA VAL A 257 7.28 -24.03 7.21
C VAL A 257 8.79 -24.47 7.03
C VAL A 257 8.76 -24.38 7.15
N VAL A 258 9.51 -23.45 6.57
CA VAL A 258 10.92 -23.61 6.23
C VAL A 258 11.75 -22.68 7.13
N PRO A 259 12.44 -23.24 8.14
CA PRO A 259 13.24 -22.36 9.00
CA PRO A 259 13.29 -22.40 9.00
C PRO A 259 14.35 -21.65 8.22
N VAL A 260 14.62 -20.41 8.60
CA VAL A 260 15.74 -19.67 8.08
C VAL A 260 17.06 -20.45 8.11
N GLU A 261 17.27 -21.18 9.20
CA GLU A 261 18.53 -21.96 9.33
C GLU A 261 18.78 -22.81 8.11
N GLN A 262 17.71 -23.42 7.58
N GLN A 262 17.72 -23.41 7.56
CA GLN A 262 17.89 -24.35 6.47
CA GLN A 262 17.88 -24.33 6.43
C GLN A 262 18.50 -23.73 5.23
C GLN A 262 18.56 -23.71 5.23
N ALA A 263 18.31 -22.42 5.01
CA ALA A 263 18.91 -21.75 3.84
C ALA A 263 20.43 -21.81 3.90
N TYR A 264 21.02 -21.83 5.10
CA TYR A 264 22.46 -21.82 5.25
C TYR A 264 23.11 -23.18 4.99
N HIS A 265 22.30 -24.22 4.78
CA HIS A 265 22.87 -25.54 4.49
CA HIS A 265 22.80 -25.57 4.53
C HIS A 265 22.30 -26.17 3.23
N SER A 266 21.57 -25.38 2.44
CA SER A 266 20.93 -25.91 1.23
C SER A 266 21.94 -26.39 0.22
N ASP A 267 21.58 -27.45 -0.52
CA ASP A 267 22.37 -27.86 -1.65
CA ASP A 267 22.37 -27.86 -1.66
C ASP A 267 22.19 -26.90 -2.84
N GLU A 268 20.98 -26.36 -2.98
CA GLU A 268 20.63 -25.44 -4.06
C GLU A 268 19.55 -24.50 -3.55
N ILE A 269 19.49 -23.30 -4.12
CA ILE A 269 18.41 -22.35 -3.85
C ILE A 269 18.01 -21.72 -5.17
N PHE A 270 16.70 -21.50 -5.36
CA PHE A 270 16.25 -20.69 -6.47
C PHE A 270 15.00 -19.92 -6.06
N MET A 271 14.75 -18.83 -6.80
CA MET A 271 13.57 -18.01 -6.70
C MET A 271 12.68 -18.32 -7.88
N CYS A 272 11.38 -18.07 -7.74
CA CYS A 272 10.48 -18.27 -8.88
C CYS A 272 9.40 -17.19 -8.91
N THR A 273 9.11 -16.76 -10.16
CA THR A 273 8.06 -15.74 -10.37
CA THR A 273 8.16 -15.70 -10.39
C THR A 273 7.77 -15.64 -11.86
N THR A 274 6.61 -15.02 -12.18
CA THR A 274 6.26 -14.86 -13.57
C THR A 274 7.24 -13.95 -14.33
N ALA A 275 7.68 -12.90 -13.69
CA ALA A 275 8.61 -11.95 -14.29
C ALA A 275 10.07 -12.42 -14.17
N GLY A 276 10.36 -13.50 -14.89
CA GLY A 276 11.70 -14.01 -14.92
C GLY A 276 11.85 -15.51 -14.93
N GLY A 277 10.88 -16.21 -14.33
CA GLY A 277 10.87 -17.66 -14.31
C GLY A 277 11.58 -18.28 -13.09
N ILE A 278 12.59 -19.10 -13.38
CA ILE A 278 13.34 -19.87 -12.40
C ILE A 278 14.73 -19.28 -12.28
N MET A 279 15.03 -18.72 -11.11
CA MET A 279 16.15 -17.76 -10.95
C MET A 279 17.10 -18.27 -9.89
N PRO A 280 18.21 -18.92 -10.27
CA PRO A 280 19.08 -19.53 -9.25
C PRO A 280 19.73 -18.51 -8.35
N ILE A 281 19.94 -18.91 -7.09
CA ILE A 281 20.70 -18.13 -6.11
C ILE A 281 21.93 -18.94 -5.70
N THR A 282 23.12 -18.39 -5.96
CA THR A 282 24.35 -19.08 -5.67
C THR A 282 25.22 -18.40 -4.61
N LEU A 283 24.79 -17.23 -4.12
CA LEU A 283 25.44 -16.56 -3.00
C LEU A 283 24.38 -16.13 -2.00
N LEU A 284 24.61 -16.39 -0.71
CA LEU A 284 23.65 -16.05 0.34
C LEU A 284 24.44 -15.39 1.45
N ASP A 285 24.05 -14.18 1.81
CA ASP A 285 24.76 -13.44 2.85
C ASP A 285 26.26 -13.37 2.59
N GLY A 286 26.62 -13.25 1.31
CA GLY A 286 28.00 -13.13 0.89
C GLY A 286 28.81 -14.40 0.77
N GLN A 287 28.21 -15.56 1.05
CA GLN A 287 28.91 -16.84 1.05
C GLN A 287 28.29 -17.77 0.01
N PRO A 288 29.08 -18.69 -0.53
CA PRO A 288 28.50 -19.60 -1.52
CA PRO A 288 28.48 -19.58 -1.53
C PRO A 288 27.35 -20.43 -0.95
N VAL A 289 26.36 -20.69 -1.80
CA VAL A 289 25.36 -21.68 -1.53
C VAL A 289 25.98 -23.00 -2.02
N ASN A 290 26.23 -23.93 -1.11
CA ASN A 290 26.91 -25.19 -1.41
C ASN A 290 28.24 -24.88 -2.12
N ASP A 291 28.41 -25.34 -3.36
CA ASP A 291 29.61 -25.16 -4.14
C ASP A 291 29.61 -23.88 -5.00
N GLY A 292 28.55 -23.05 -4.85
CA GLY A 292 28.47 -21.83 -5.63
C GLY A 292 28.01 -21.99 -7.07
N GLN A 293 27.61 -23.21 -7.46
CA GLN A 293 27.19 -23.51 -8.82
CA GLN A 293 27.21 -23.46 -8.83
C GLN A 293 25.69 -23.66 -8.89
N VAL A 294 25.11 -23.43 -10.06
CA VAL A 294 23.69 -23.74 -10.28
C VAL A 294 23.57 -25.27 -10.23
N GLY A 295 22.66 -25.75 -9.41
CA GLY A 295 22.60 -27.16 -9.13
C GLY A 295 21.72 -27.98 -10.09
N PRO A 296 21.81 -29.31 -9.96
CA PRO A 296 21.15 -30.17 -10.97
C PRO A 296 19.62 -30.17 -10.87
N ILE A 297 19.06 -30.08 -9.67
CA ILE A 297 17.62 -30.08 -9.53
C ILE A 297 17.09 -28.74 -10.04
N THR A 298 17.78 -27.64 -9.73
CA THR A 298 17.40 -26.36 -10.29
C THR A 298 17.32 -26.41 -11.80
N LYS A 299 18.34 -27.03 -12.42
CA LYS A 299 18.34 -27.13 -13.89
C LYS A 299 17.19 -27.97 -14.43
N LYS A 300 16.83 -29.07 -13.76
CA LYS A 300 15.67 -29.85 -14.17
CA LYS A 300 15.70 -29.86 -14.17
C LYS A 300 14.41 -29.04 -14.07
N ILE A 301 14.25 -28.32 -12.97
CA ILE A 301 13.08 -27.48 -12.82
C ILE A 301 13.02 -26.38 -13.91
N TRP A 302 14.18 -25.75 -14.13
CA TRP A 302 14.32 -24.71 -15.13
C TRP A 302 13.86 -25.20 -16.51
N ASP A 303 14.42 -26.31 -16.94
CA ASP A 303 14.11 -26.84 -18.27
CA ASP A 303 14.13 -26.88 -18.25
C ASP A 303 12.64 -27.21 -18.36
N GLY A 304 12.10 -27.88 -17.33
CA GLY A 304 10.69 -28.31 -17.35
C GLY A 304 9.74 -27.13 -17.33
N TYR A 305 10.09 -26.10 -16.58
CA TYR A 305 9.25 -24.90 -16.52
C TYR A 305 9.13 -24.26 -17.92
N TRP A 306 10.27 -24.06 -18.58
CA TRP A 306 10.19 -23.45 -19.90
C TRP A 306 9.51 -24.37 -20.94
N GLU A 307 9.62 -25.69 -20.78
CA GLU A 307 8.90 -26.55 -21.69
CA GLU A 307 8.86 -26.60 -21.67
C GLU A 307 7.37 -26.38 -21.52
N MET A 308 6.90 -26.11 -20.28
CA MET A 308 5.47 -25.90 -20.07
C MET A 308 4.92 -24.72 -20.86
N HIS A 309 5.78 -23.73 -21.18
CA HIS A 309 5.36 -22.56 -21.93
CA HIS A 309 5.37 -22.61 -22.02
C HIS A 309 4.97 -22.93 -23.41
N TYR A 310 5.34 -24.14 -23.87
CA TYR A 310 5.01 -24.63 -25.20
C TYR A 310 3.99 -25.78 -25.13
N ASN A 311 3.54 -26.14 -23.94
CA ASN A 311 2.66 -27.27 -23.74
C ASN A 311 1.22 -26.79 -23.83
N PRO A 312 0.43 -27.36 -24.76
CA PRO A 312 -0.95 -26.86 -24.92
C PRO A 312 -1.84 -27.02 -23.70
N ALA A 313 -1.45 -27.89 -22.75
CA ALA A 313 -2.19 -28.02 -21.50
C ALA A 313 -2.08 -26.79 -20.61
N TYR A 314 -1.05 -25.95 -20.86
CA TYR A 314 -0.75 -24.79 -20.03
C TYR A 314 -0.63 -23.45 -20.78
N SER A 315 -0.80 -23.46 -22.10
CA SER A 315 -0.49 -22.27 -22.87
C SER A 315 -1.28 -22.30 -24.17
N PHE A 316 -1.44 -21.11 -24.78
CA PHE A 316 -2.07 -21.02 -26.10
C PHE A 316 -1.45 -19.87 -26.88
N PRO A 317 -1.45 -19.98 -28.22
CA PRO A 317 -0.84 -18.94 -29.04
C PRO A 317 -1.77 -17.77 -29.29
N VAL A 318 -1.21 -16.57 -29.20
CA VAL A 318 -1.90 -15.35 -29.61
C VAL A 318 -1.83 -15.24 -31.14
N ASP A 319 -2.93 -14.80 -31.74
CA ASP A 319 -2.99 -14.57 -33.19
C ASP A 319 -2.57 -13.11 -33.43
N TYR A 320 -1.35 -12.90 -33.96
CA TYR A 320 -0.84 -11.57 -34.25
C TYR A 320 -1.36 -10.98 -35.58
N GLY A 321 -2.15 -11.73 -36.31
CA GLY A 321 -2.82 -11.21 -37.53
C GLY A 321 -1.88 -11.24 -38.72
N SER B 3 -16.33 25.46 22.98
CA SER B 3 -17.66 24.82 23.31
C SER B 3 -18.29 24.27 22.05
N MET B 4 -18.89 23.08 22.08
N MET B 4 -18.77 22.99 22.13
CA MET B 4 -19.41 22.53 20.85
CA MET B 4 -19.05 22.13 20.93
C MET B 4 -20.28 23.53 20.12
C MET B 4 -19.97 22.87 19.98
N ASP B 5 -21.10 24.19 20.91
N ASP B 5 -21.23 23.06 20.39
CA ASP B 5 -22.01 25.21 20.43
CA ASP B 5 -22.18 23.81 19.57
C ASP B 5 -21.19 26.19 19.60
C ASP B 5 -21.59 25.19 19.13
N LYS B 6 -20.36 27.00 20.26
N LYS B 6 -20.71 25.79 19.94
CA LYS B 6 -19.62 28.00 19.49
CA LYS B 6 -20.05 27.09 19.62
C LYS B 6 -18.86 27.37 18.28
C LYS B 6 -19.09 27.11 18.39
N VAL B 7 -18.04 26.31 18.50
CA VAL B 7 -17.08 25.97 17.43
C VAL B 7 -17.83 25.46 16.22
N PHE B 8 -18.73 24.53 16.46
CA PHE B 8 -19.53 23.94 15.35
CA PHE B 8 -19.40 23.94 15.34
C PHE B 8 -20.48 24.87 14.66
N SER B 9 -21.13 25.73 15.45
CA SER B 9 -22.09 26.66 14.84
CA SER B 9 -22.08 26.65 14.86
CA SER B 9 -22.06 26.73 14.91
C SER B 9 -21.37 27.55 13.85
N GLY B 10 -20.15 27.97 14.18
CA GLY B 10 -19.39 28.75 13.22
C GLY B 10 -19.09 28.00 11.93
N TYR B 11 -18.65 26.76 12.10
CA TYR B 11 -18.38 25.91 10.96
C TYR B 11 -19.65 25.75 10.09
N TYR B 12 -20.81 25.51 10.71
CA TYR B 12 -22.02 25.35 9.92
CA TYR B 12 -22.00 25.35 9.87
C TYR B 12 -22.34 26.60 9.09
N ALA B 13 -22.12 27.79 9.67
CA ALA B 13 -22.39 29.02 8.96
C ALA B 13 -21.39 29.16 7.78
N ARG B 14 -20.11 28.89 8.05
CA ARG B 14 -19.12 29.01 6.99
C ARG B 14 -19.42 28.01 5.86
N GLN B 15 -19.88 26.79 6.24
CA GLN B 15 -20.24 25.75 5.24
CA GLN B 15 -20.13 25.78 5.24
C GLN B 15 -21.39 26.18 4.38
N LYS B 16 -22.38 26.82 4.98
N LYS B 16 -22.43 26.73 5.01
CA LYS B 16 -23.55 27.26 4.24
CA LYS B 16 -23.57 27.19 4.24
C LYS B 16 -23.22 28.33 3.22
C LYS B 16 -23.07 28.18 3.17
N LEU B 17 -22.24 29.15 3.59
CA LEU B 17 -21.75 30.15 2.64
C LEU B 17 -20.98 29.51 1.51
N LEU B 18 -20.12 28.56 1.86
CA LEU B 18 -19.33 27.86 0.85
C LEU B 18 -20.21 27.10 -0.15
N GLU B 19 -21.28 26.51 0.35
CA GLU B 19 -22.19 25.69 -0.47
C GLU B 19 -22.95 26.53 -1.51
N ARG B 20 -23.04 27.84 -1.30
CA ARG B 20 -23.65 28.73 -2.27
C ARG B 20 -22.68 29.48 -3.19
N SER B 21 -21.40 29.16 -3.07
CA SER B 21 -20.39 29.78 -3.90
C SER B 21 -20.53 29.44 -5.35
N ASP B 22 -20.25 30.44 -6.19
CA ASP B 22 -20.17 30.26 -7.63
CA ASP B 22 -20.17 30.18 -7.63
C ASP B 22 -18.74 29.91 -8.12
N ASN B 23 -17.79 29.79 -7.18
CA ASN B 23 -16.40 29.47 -7.55
C ASN B 23 -16.27 27.96 -7.76
N PRO B 24 -15.76 27.56 -8.93
N PRO B 24 -15.91 27.44 -8.96
CA PRO B 24 -15.56 26.15 -9.30
CA PRO B 24 -15.90 25.96 -8.96
C PRO B 24 -14.71 25.34 -8.35
C PRO B 24 -14.89 25.33 -8.01
N PHE B 25 -13.82 26.06 -7.66
CA PHE B 25 -12.85 25.51 -6.70
C PHE B 25 -13.38 25.45 -5.26
N SER B 26 -14.63 25.84 -5.05
CA SER B 26 -15.24 25.71 -3.73
CA SER B 26 -15.27 25.70 -3.75
C SER B 26 -15.36 24.24 -3.33
N LYS B 27 -15.31 23.32 -4.31
CA LYS B 27 -15.38 21.87 -4.18
CA LYS B 27 -15.39 21.91 -3.91
C LYS B 27 -13.99 21.26 -3.87
N GLY B 28 -12.95 22.07 -3.97
CA GLY B 28 -11.56 21.65 -3.85
C GLY B 28 -10.73 22.04 -5.05
N ILE B 29 -9.43 21.86 -4.87
CA ILE B 29 -8.43 22.23 -5.89
C ILE B 29 -7.19 21.33 -5.68
N ALA B 30 -6.55 20.94 -6.78
CA ALA B 30 -5.35 20.11 -6.74
C ALA B 30 -4.26 20.77 -7.56
N TYR B 31 -3.03 20.41 -7.22
CA TYR B 31 -1.84 20.91 -7.93
CA TYR B 31 -1.84 20.91 -7.90
C TYR B 31 -1.09 19.70 -8.42
N VAL B 32 -1.02 19.55 -9.74
CA VAL B 32 -0.44 18.37 -10.40
C VAL B 32 0.40 18.88 -11.57
N GLU B 33 1.67 18.52 -11.57
CA GLU B 33 2.59 18.87 -12.66
C GLU B 33 2.55 20.37 -12.94
N GLY B 34 2.58 21.16 -11.86
CA GLY B 34 2.65 22.61 -11.99
C GLY B 34 1.37 23.34 -12.35
N LYS B 35 0.26 22.63 -12.40
CA LYS B 35 -1.00 23.17 -12.77
C LYS B 35 -2.07 22.98 -11.71
N LEU B 36 -2.93 23.98 -11.57
CA LEU B 36 -4.10 23.91 -10.68
C LEU B 36 -5.29 23.37 -11.45
N VAL B 37 -5.91 22.32 -10.91
N VAL B 37 -5.97 22.38 -10.86
CA VAL B 37 -7.04 21.66 -11.57
CA VAL B 37 -6.87 21.39 -11.41
CA VAL B 37 -6.99 21.60 -11.53
C VAL B 37 -8.05 21.20 -10.52
C VAL B 37 -8.07 21.27 -10.50
N LEU B 38 -9.28 20.94 -10.96
CA LEU B 38 -10.32 20.39 -10.05
C LEU B 38 -9.89 18.99 -9.63
N PRO B 39 -10.13 18.62 -8.38
CA PRO B 39 -9.65 17.28 -8.03
CA PRO B 39 -9.81 17.26 -7.89
C PRO B 39 -10.25 16.15 -8.84
N SER B 40 -11.50 16.25 -9.30
CA SER B 40 -12.07 15.19 -10.11
CA SER B 40 -12.06 15.17 -10.12
C SER B 40 -11.41 15.06 -11.49
N ASP B 41 -10.79 16.17 -11.94
CA ASP B 41 -10.11 16.19 -13.24
C ASP B 41 -8.62 15.82 -13.09
N ALA B 42 -8.11 15.83 -11.86
CA ALA B 42 -6.68 15.58 -11.61
C ALA B 42 -6.29 14.16 -11.99
N ARG B 43 -5.13 14.00 -12.62
CA ARG B 43 -4.66 12.70 -13.09
C ARG B 43 -3.20 12.50 -12.75
N ILE B 44 -2.86 11.23 -12.48
CA ILE B 44 -1.53 10.74 -12.11
CA ILE B 44 -1.49 10.90 -12.26
C ILE B 44 -1.04 9.84 -13.26
N PRO B 45 0.25 9.81 -13.53
CA PRO B 45 0.73 8.75 -14.44
C PRO B 45 0.46 7.34 -13.91
N LEU B 46 -0.06 6.46 -14.76
CA LEU B 46 -0.19 5.03 -14.44
C LEU B 46 1.10 4.47 -13.87
N LEU B 47 2.23 4.85 -14.48
CA LEU B 47 3.51 4.26 -14.13
C LEU B 47 4.16 4.92 -12.92
N ASP B 48 3.49 5.92 -12.30
CA ASP B 48 4.05 6.44 -11.05
C ASP B 48 4.11 5.32 -10.03
N GLU B 49 5.28 5.17 -9.40
CA GLU B 49 5.47 4.14 -8.38
C GLU B 49 4.62 4.36 -7.13
N GLY B 50 4.13 5.57 -6.93
CA GLY B 50 3.15 5.81 -5.89
C GLY B 50 1.87 4.99 -6.09
N PHE B 51 1.55 4.69 -7.37
CA PHE B 51 0.48 3.76 -7.72
C PHE B 51 1.02 2.34 -7.85
N MET B 52 2.10 2.17 -8.62
N MET B 52 2.08 2.18 -8.63
CA MET B 52 2.58 0.85 -8.99
CA MET B 52 2.53 0.84 -8.99
CA MET B 52 2.47 0.69 -9.02
C MET B 52 3.05 -0.01 -7.80
C MET B 52 3.09 0.00 -7.84
N HIS B 53 3.56 0.63 -6.74
CA HIS B 53 4.02 -0.08 -5.56
C HIS B 53 3.67 0.67 -4.27
N SER B 54 2.71 1.58 -4.34
CA SER B 54 2.39 2.46 -3.21
C SER B 54 3.63 2.99 -2.52
N ASP B 55 4.56 3.45 -3.36
CA ASP B 55 5.89 3.79 -2.87
C ASP B 55 5.90 5.31 -2.66
N LEU B 56 5.35 5.72 -1.51
CA LEU B 56 5.07 7.12 -1.22
C LEU B 56 4.95 7.33 0.28
N THR B 57 5.03 8.63 0.62
CA THR B 57 4.57 9.11 1.94
C THR B 57 3.63 10.29 1.72
N TYR B 58 2.93 10.67 2.77
CA TYR B 58 2.01 11.80 2.66
C TYR B 58 1.88 12.47 4.02
N ASP B 59 1.18 13.61 4.02
CA ASP B 59 0.77 14.23 5.26
C ASP B 59 -0.51 15.01 5.00
N VAL B 60 -1.23 15.30 6.09
CA VAL B 60 -2.50 16.04 6.01
C VAL B 60 -2.47 17.13 7.05
N ILE B 61 -2.79 18.34 6.57
CA ILE B 61 -2.88 19.52 7.42
C ILE B 61 -4.32 20.07 7.30
N SER B 62 -4.81 20.73 8.36
CA SER B 62 -6.08 21.41 8.32
C SER B 62 -5.94 22.92 8.27
N VAL B 63 -6.97 23.52 7.66
CA VAL B 63 -7.29 24.93 7.82
C VAL B 63 -8.60 24.96 8.54
N TRP B 64 -8.72 25.77 9.60
CA TRP B 64 -9.94 25.88 10.37
C TRP B 64 -10.25 27.37 10.52
N ASP B 65 -11.44 27.77 10.13
CA ASP B 65 -11.85 29.18 10.30
C ASP B 65 -10.81 30.09 9.66
N GLY B 66 -10.32 29.69 8.48
CA GLY B 66 -9.35 30.47 7.74
C GLY B 66 -7.93 30.49 8.28
N ARG B 67 -7.63 29.60 9.23
CA ARG B 67 -6.32 29.57 9.87
C ARG B 67 -5.67 28.18 9.70
N PHE B 68 -4.48 28.15 9.09
CA PHE B 68 -3.71 26.89 9.07
C PHE B 68 -3.34 26.49 10.49
N PHE B 69 -3.50 25.20 10.79
CA PHE B 69 -3.21 24.66 12.11
C PHE B 69 -1.95 23.80 12.09
N ARG B 70 -0.90 24.27 12.78
CA ARG B 70 0.32 23.52 12.98
C ARG B 70 1.02 23.12 11.66
N LEU B 71 0.90 23.99 10.65
CA LEU B 71 1.49 23.67 9.35
C LEU B 71 2.98 23.34 9.46
N ASP B 72 3.74 24.13 10.22
CA ASP B 72 5.19 23.87 10.25
C ASP B 72 5.47 22.47 10.84
N ASP B 73 4.69 22.03 11.86
CA ASP B 73 4.89 20.69 12.42
CA ASP B 73 4.90 20.69 12.42
C ASP B 73 4.62 19.59 11.38
N HIS B 74 3.58 19.79 10.57
CA HIS B 74 3.31 18.83 9.53
C HIS B 74 4.39 18.80 8.46
N LEU B 75 4.87 19.97 8.08
CA LEU B 75 5.92 19.96 7.06
C LEU B 75 7.22 19.33 7.59
N GLN B 76 7.54 19.54 8.86
CA GLN B 76 8.71 18.87 9.46
C GLN B 76 8.49 17.36 9.42
N ARG B 77 7.27 16.92 9.75
CA ARG B 77 7.00 15.47 9.74
C ARG B 77 7.16 14.89 8.35
N ILE B 78 6.65 15.58 7.33
CA ILE B 78 6.75 15.08 5.95
CA ILE B 78 6.77 14.96 6.00
CA ILE B 78 6.76 14.90 6.04
C ILE B 78 8.23 14.96 5.55
N LEU B 79 9.03 15.94 5.98
CA LEU B 79 10.48 15.87 5.70
C LEU B 79 11.12 14.64 6.35
N GLU B 80 10.72 14.36 7.59
CA GLU B 80 11.21 13.19 8.27
CA GLU B 80 11.21 13.17 8.27
C GLU B 80 10.75 11.90 7.58
N SER B 81 9.48 11.86 7.17
CA SER B 81 8.96 10.70 6.45
C SER B 81 9.74 10.49 5.15
N CYS B 82 9.99 11.59 4.41
CA CYS B 82 10.78 11.46 3.20
CA CYS B 82 10.84 11.59 3.23
C CYS B 82 12.18 10.93 3.50
N ASP B 83 12.84 11.45 4.52
CA ASP B 83 14.19 10.94 4.83
CA ASP B 83 14.19 10.96 4.90
C ASP B 83 14.12 9.44 5.16
N LYS B 84 13.14 9.02 5.95
CA LYS B 84 13.03 7.61 6.34
C LYS B 84 12.77 6.70 5.13
N MET B 85 12.08 7.26 4.13
CA MET B 85 11.74 6.57 2.89
CA MET B 85 11.74 6.54 2.91
C MET B 85 12.80 6.66 1.81
N ARG B 86 13.87 7.42 2.04
CA ARG B 86 14.91 7.71 1.02
CA ARG B 86 14.93 7.68 1.06
C ARG B 86 14.40 8.51 -0.15
N LEU B 87 13.37 9.33 0.09
CA LEU B 87 12.84 10.25 -0.88
C LEU B 87 13.44 11.63 -0.70
N LYS B 88 13.56 12.40 -1.78
CA LYS B 88 14.06 13.76 -1.72
C LYS B 88 12.81 14.64 -1.94
N PHE B 89 12.41 15.40 -0.91
CA PHE B 89 11.25 16.25 -1.03
C PHE B 89 11.53 17.24 -2.17
N PRO B 90 10.66 17.30 -3.20
CA PRO B 90 11.11 17.91 -4.47
C PRO B 90 10.88 19.40 -4.61
N LEU B 91 10.34 20.08 -3.61
CA LEU B 91 10.20 21.54 -3.61
C LEU B 91 10.80 22.14 -2.35
N ALA B 92 11.22 23.39 -2.42
CA ALA B 92 11.55 24.14 -1.21
C ALA B 92 10.33 24.23 -0.27
N LEU B 93 10.54 24.16 1.04
CA LEU B 93 9.43 24.33 2.01
C LEU B 93 8.73 25.65 1.82
N SER B 94 9.49 26.71 1.60
CA SER B 94 8.84 28.01 1.35
C SER B 94 7.88 27.94 0.16
N SER B 95 8.29 27.23 -0.88
CA SER B 95 7.48 27.11 -2.09
CA SER B 95 7.47 27.14 -2.08
C SER B 95 6.19 26.34 -1.81
N VAL B 96 6.31 25.20 -1.14
CA VAL B 96 5.12 24.42 -0.84
CA VAL B 96 5.14 24.41 -0.85
C VAL B 96 4.18 25.20 0.07
N LYS B 97 4.72 25.90 1.06
CA LYS B 97 3.86 26.74 1.91
C LYS B 97 3.11 27.79 1.10
N ASN B 98 3.81 28.44 0.20
CA ASN B 98 3.18 29.49 -0.61
C ASN B 98 2.10 28.89 -1.53
N ILE B 99 2.40 27.76 -2.16
CA ILE B 99 1.46 27.11 -3.06
C ILE B 99 0.22 26.67 -2.30
N LEU B 100 0.42 26.04 -1.14
CA LEU B 100 -0.73 25.61 -0.35
C LEU B 100 -1.65 26.77 0.07
N ALA B 101 -1.05 27.87 0.49
CA ALA B 101 -1.83 29.03 0.86
C ALA B 101 -2.56 29.61 -0.36
N GLU B 102 -1.89 29.64 -1.50
CA GLU B 102 -2.49 30.14 -2.74
C GLU B 102 -3.71 29.26 -3.11
N MET B 103 -3.54 27.95 -2.99
CA MET B 103 -4.65 27.02 -3.30
C MET B 103 -5.84 27.23 -2.38
N VAL B 104 -5.56 27.35 -1.07
CA VAL B 104 -6.65 27.58 -0.10
C VAL B 104 -7.35 28.90 -0.46
N ALA B 105 -6.58 29.97 -0.66
CA ALA B 105 -7.17 31.24 -0.97
C ALA B 105 -8.01 31.19 -2.26
N LYS B 106 -7.48 30.52 -3.29
CA LYS B 106 -8.21 30.43 -4.56
C LYS B 106 -9.54 29.70 -4.43
N SER B 107 -9.55 28.69 -3.57
CA SER B 107 -10.74 27.92 -3.36
C SER B 107 -11.82 28.63 -2.58
N GLY B 108 -11.44 29.60 -1.76
CA GLY B 108 -12.37 30.22 -0.82
C GLY B 108 -12.75 29.38 0.39
N ILE B 109 -12.19 28.18 0.51
CA ILE B 109 -12.58 27.27 1.59
C ILE B 109 -11.93 27.73 2.90
N ARG B 110 -12.75 27.96 3.93
CA ARG B 110 -12.26 28.37 5.24
C ARG B 110 -11.95 27.19 6.15
N ASP B 111 -12.57 26.03 5.90
CA ASP B 111 -12.35 24.81 6.72
C ASP B 111 -11.92 23.74 5.75
N ALA B 112 -10.64 23.40 5.74
CA ALA B 112 -10.08 22.58 4.65
C ALA B 112 -9.26 21.42 5.17
N PHE B 113 -9.25 20.37 4.34
CA PHE B 113 -8.37 19.20 4.44
C PHE B 113 -7.30 19.37 3.35
N VAL B 114 -6.01 19.38 3.74
CA VAL B 114 -4.93 19.68 2.83
C VAL B 114 -3.97 18.49 2.83
N GLU B 115 -3.84 17.83 1.69
CA GLU B 115 -3.04 16.61 1.61
CA GLU B 115 -3.03 16.62 1.60
C GLU B 115 -1.82 16.85 0.70
N VAL B 116 -0.64 16.43 1.16
CA VAL B 116 0.59 16.49 0.40
C VAL B 116 1.11 15.08 0.24
N ILE B 117 1.38 14.67 -1.00
CA ILE B 117 1.82 13.29 -1.32
C ILE B 117 3.14 13.38 -2.07
N VAL B 118 4.14 12.63 -1.60
CA VAL B 118 5.43 12.53 -2.30
C VAL B 118 5.65 11.06 -2.66
N THR B 119 5.86 10.83 -3.95
CA THR B 119 6.02 9.47 -4.45
C THR B 119 7.43 9.22 -4.99
N ARG B 120 7.80 7.94 -5.13
CA ARG B 120 9.11 7.60 -5.68
C ARG B 120 9.30 8.13 -7.10
N GLY B 121 8.20 8.29 -7.86
CA GLY B 121 8.30 8.75 -9.25
C GLY B 121 8.20 7.59 -10.23
N LEU B 122 8.79 7.78 -11.41
CA LEU B 122 8.58 6.85 -12.52
C LEU B 122 9.55 5.68 -12.55
N THR B 123 10.63 5.75 -11.77
CA THR B 123 11.62 4.67 -11.75
C THR B 123 11.44 3.85 -10.45
N GLY B 124 11.13 2.58 -10.61
CA GLY B 124 10.97 1.70 -9.47
C GLY B 124 12.28 1.29 -8.83
N VAL B 125 12.18 0.95 -7.54
CA VAL B 125 13.37 0.60 -6.80
C VAL B 125 14.07 -0.67 -7.33
N ARG B 126 13.39 -1.73 -7.69
N ARG B 126 13.22 -1.68 -7.59
CA ARG B 126 14.17 -2.90 -8.10
CA ARG B 126 13.65 -3.01 -8.00
C ARG B 126 15.11 -2.68 -9.27
C ARG B 126 14.47 -2.82 -9.27
N GLY B 127 16.32 -3.23 -9.17
N GLY B 127 15.77 -3.08 -9.14
CA GLY B 127 17.32 -3.13 -10.22
CA GLY B 127 16.70 -3.03 -10.29
C GLY B 127 17.86 -1.74 -10.45
C GLY B 127 17.53 -1.75 -10.54
N SER B 128 17.43 -0.77 -9.63
CA SER B 128 17.93 0.61 -9.79
CA SER B 128 17.96 0.60 -9.83
C SER B 128 19.08 0.97 -8.85
N LYS B 129 19.99 1.85 -9.32
CA LYS B 129 21.03 2.46 -8.48
C LYS B 129 20.35 3.51 -7.58
N PRO B 130 20.84 3.71 -6.35
N PRO B 130 20.73 3.60 -6.29
CA PRO B 130 20.17 4.66 -5.44
CA PRO B 130 20.12 4.63 -5.45
C PRO B 130 20.15 6.07 -6.02
C PRO B 130 20.15 6.07 -6.02
N GLU B 131 21.21 6.44 -6.73
CA GLU B 131 21.30 7.77 -7.35
C GLU B 131 20.24 8.03 -8.44
N ASP B 132 19.63 6.97 -8.97
CA ASP B 132 18.61 7.11 -9.99
C ASP B 132 17.19 7.13 -9.45
N LEU B 133 17.05 7.19 -8.12
CA LEU B 133 15.77 7.05 -7.42
C LEU B 133 15.33 8.34 -6.69
N TYR B 134 15.84 9.49 -7.12
CA TYR B 134 15.55 10.76 -6.46
C TYR B 134 14.75 11.73 -7.33
N ASN B 135 14.23 11.29 -8.47
CA ASN B 135 13.32 12.13 -9.23
CA ASN B 135 13.33 12.15 -9.24
C ASN B 135 11.92 11.80 -8.78
N ASN B 136 11.56 12.39 -7.64
CA ASN B 136 10.37 12.03 -6.89
C ASN B 136 9.26 13.03 -7.19
N ASN B 137 8.03 12.56 -7.19
CA ASN B 137 6.89 13.36 -7.58
C ASN B 137 6.11 13.89 -6.37
N ILE B 138 5.46 15.05 -6.57
CA ILE B 138 4.62 15.62 -5.52
C ILE B 138 3.26 15.98 -6.06
N TYR B 139 2.25 15.72 -5.25
CA TYR B 139 0.86 16.05 -5.58
C TYR B 139 0.29 16.76 -4.36
N LEU B 140 -0.48 17.84 -4.62
CA LEU B 140 -1.13 18.60 -3.55
C LEU B 140 -2.64 18.60 -3.76
N LEU B 141 -3.40 18.51 -2.67
CA LEU B 141 -4.85 18.42 -2.75
C LEU B 141 -5.46 19.20 -1.59
N VAL B 142 -6.40 20.10 -1.93
CA VAL B 142 -7.17 20.82 -0.94
C VAL B 142 -8.64 20.47 -1.16
N LEU B 143 -9.28 20.01 -0.09
CA LEU B 143 -10.71 19.68 -0.12
C LEU B 143 -11.43 20.35 1.04
N PRO B 144 -12.75 20.47 0.97
CA PRO B 144 -13.52 20.80 2.16
C PRO B 144 -13.15 19.86 3.34
N TYR B 145 -13.09 20.40 4.54
CA TYR B 145 -12.72 19.63 5.74
C TYR B 145 -13.52 18.33 5.80
N ILE B 146 -12.78 17.26 6.06
CA ILE B 146 -13.30 15.91 6.18
C ILE B 146 -13.39 15.51 7.65
N TRP B 147 -14.51 14.90 8.01
CA TRP B 147 -14.74 14.47 9.38
C TRP B 147 -14.74 12.95 9.52
N VAL B 148 -13.78 12.42 10.31
CA VAL B 148 -13.81 11.01 10.65
C VAL B 148 -14.97 10.73 11.63
N MET B 149 -15.39 11.74 12.40
CA MET B 149 -16.61 11.70 13.18
C MET B 149 -17.30 13.03 12.92
N ALA B 150 -18.51 13.01 12.36
CA ALA B 150 -19.23 14.20 12.04
C ALA B 150 -19.47 15.07 13.30
N PRO B 151 -19.54 16.37 13.14
CA PRO B 151 -19.64 17.23 14.32
C PRO B 151 -20.79 16.86 15.26
N GLU B 152 -21.99 16.65 14.73
CA GLU B 152 -23.11 16.38 15.62
C GLU B 152 -22.92 15.07 16.39
N ASN B 153 -22.20 14.13 15.81
CA ASN B 153 -21.95 12.86 16.46
CA ASN B 153 -21.98 12.86 16.49
C ASN B 153 -21.01 13.01 17.65
N GLN B 154 -20.15 14.05 17.64
CA GLN B 154 -19.20 14.22 18.69
C GLN B 154 -19.87 14.53 20.05
N LEU B 155 -21.11 15.04 20.03
CA LEU B 155 -21.83 15.25 21.28
CA LEU B 155 -21.88 15.24 21.25
C LEU B 155 -22.19 13.92 21.97
N HIS B 156 -22.40 12.88 21.17
CA HIS B 156 -22.84 11.58 21.65
CA HIS B 156 -22.84 11.58 21.67
C HIS B 156 -21.71 10.56 21.83
N GLY B 157 -20.67 10.73 21.03
CA GLY B 157 -19.63 9.75 20.91
C GLY B 157 -19.98 8.62 19.95
N GLY B 158 -18.96 7.89 19.55
CA GLY B 158 -19.10 6.80 18.59
C GLY B 158 -18.83 5.40 19.17
N GLU B 159 -18.92 4.46 18.24
CA GLU B 159 -18.88 3.04 18.55
CA GLU B 159 -18.92 3.03 18.52
C GLU B 159 -17.66 2.39 17.95
N ALA B 160 -16.83 1.83 18.82
CA ALA B 160 -15.58 1.21 18.45
C ALA B 160 -15.62 -0.30 18.71
N ILE B 161 -14.73 -1.02 18.04
N ILE B 161 -14.66 -0.98 18.10
CA ILE B 161 -14.39 -2.41 18.36
CA ILE B 161 -14.38 -2.36 18.37
C ILE B 161 -12.89 -2.59 18.46
C ILE B 161 -12.88 -2.52 18.54
N ILE B 162 -12.49 -3.53 19.33
CA ILE B 162 -11.14 -4.07 19.27
C ILE B 162 -11.15 -5.12 18.16
N THR B 163 -10.32 -4.90 17.15
CA THR B 163 -10.39 -5.81 15.99
C THR B 163 -9.86 -7.22 16.35
N ARG B 164 -10.51 -8.21 15.75
CA ARG B 164 -10.16 -9.60 15.96
C ARG B 164 -9.86 -10.36 14.64
N THR B 165 -10.09 -9.71 13.49
CA THR B 165 -9.76 -10.30 12.20
C THR B 165 -8.52 -9.68 11.59
N VAL B 166 -7.97 -8.64 12.22
CA VAL B 166 -6.84 -7.91 11.72
C VAL B 166 -6.06 -7.35 12.88
N ARG B 167 -4.76 -7.19 12.69
CA ARG B 167 -3.86 -6.52 13.61
C ARG B 167 -3.03 -5.53 12.79
N ARG B 168 -2.42 -4.55 13.50
CA ARG B 168 -1.67 -3.51 12.81
C ARG B 168 -0.40 -4.07 12.20
N THR B 169 -0.07 -3.60 11.01
CA THR B 169 1.22 -3.89 10.38
CA THR B 169 1.20 -3.92 10.42
C THR B 169 2.31 -3.54 11.40
N PRO B 170 3.22 -4.48 11.74
CA PRO B 170 4.21 -4.18 12.79
C PRO B 170 5.31 -3.28 12.27
N PRO B 171 6.04 -2.61 13.15
CA PRO B 171 7.09 -1.74 12.72
C PRO B 171 8.22 -2.39 11.91
N GLY B 172 8.49 -3.65 12.20
CA GLY B 172 9.49 -4.37 11.43
C GLY B 172 9.08 -4.68 10.00
N ALA B 173 7.79 -4.57 9.70
CA ALA B 173 7.29 -4.68 8.31
C ALA B 173 7.20 -3.29 7.67
N PHE B 174 6.67 -2.31 8.39
CA PHE B 174 6.57 -0.91 7.89
CA PHE B 174 6.66 -0.95 7.91
C PHE B 174 6.66 -0.02 9.11
N ASP B 175 7.53 0.98 9.11
CA ASP B 175 7.61 1.91 10.25
C ASP B 175 6.36 2.80 10.29
N PRO B 176 5.49 2.63 11.32
CA PRO B 176 4.24 3.38 11.32
C PRO B 176 4.42 4.87 11.65
N THR B 177 5.65 5.28 12.01
CA THR B 177 5.91 6.71 12.14
C THR B 177 6.04 7.40 10.80
N ILE B 178 6.17 6.63 9.73
CA ILE B 178 6.14 7.13 8.35
C ILE B 178 4.69 7.11 7.91
N LYS B 179 4.06 8.29 7.80
N LYS B 179 4.08 8.27 7.75
CA LYS B 179 2.63 8.34 7.36
CA LYS B 179 2.66 8.30 7.37
C LYS B 179 2.61 7.72 5.96
C LYS B 179 2.53 7.80 5.93
N ASN B 180 1.65 6.82 5.73
CA ASN B 180 1.66 6.09 4.46
C ASN B 180 0.24 5.68 4.09
N LEU B 181 0.08 5.33 2.81
CA LEU B 181 -1.24 4.98 2.25
C LEU B 181 -1.40 3.47 2.00
N GLN B 182 -0.51 2.69 2.62
CA GLN B 182 -0.60 1.22 2.52
C GLN B 182 -1.54 0.77 3.63
N TRP B 183 -2.84 0.98 3.40
CA TRP B 183 -3.88 0.82 4.39
C TRP B 183 -4.50 -0.58 4.45
N GLY B 184 -3.77 -1.61 4.00
CA GLY B 184 -4.45 -2.88 3.88
C GLY B 184 -5.06 -3.39 5.19
N ASP B 185 -4.32 -3.22 6.29
CA ASP B 185 -4.85 -3.57 7.64
C ASP B 185 -5.97 -2.65 8.07
N LEU B 186 -5.75 -1.34 7.89
CA LEU B 186 -6.74 -0.35 8.33
C LEU B 186 -8.09 -0.46 7.59
N THR B 187 -7.99 -0.69 6.27
CA THR B 187 -9.20 -0.89 5.45
C THR B 187 -9.95 -2.13 5.87
N LYS B 188 -9.21 -3.24 6.13
CA LYS B 188 -9.88 -4.45 6.64
C LYS B 188 -10.52 -4.16 7.99
N GLY B 189 -9.85 -3.38 8.85
CA GLY B 189 -10.47 -3.00 10.12
C GLY B 189 -11.80 -2.25 9.93
N LEU B 190 -11.85 -1.34 8.95
CA LEU B 190 -13.09 -0.64 8.65
C LEU B 190 -14.20 -1.61 8.27
N PHE B 191 -13.88 -2.60 7.42
CA PHE B 191 -14.88 -3.60 7.08
C PHE B 191 -15.28 -4.46 8.29
N GLU B 192 -14.31 -4.82 9.13
CA GLU B 192 -14.66 -5.59 10.32
C GLU B 192 -15.64 -4.83 11.20
N ALA B 193 -15.36 -3.53 11.38
CA ALA B 193 -16.28 -2.72 12.17
C ALA B 193 -17.67 -2.73 11.55
N MET B 194 -17.77 -2.54 10.22
CA MET B 194 -19.04 -2.63 9.49
CA MET B 194 -19.08 -2.63 9.56
CA MET B 194 -19.08 -2.60 9.61
C MET B 194 -19.76 -3.96 9.84
N ASP B 195 -19.02 -5.03 9.68
CA ASP B 195 -19.58 -6.36 9.87
C ASP B 195 -20.11 -6.56 11.30
N ARG B 196 -19.46 -5.93 12.28
CA ARG B 196 -19.79 -6.07 13.68
C ARG B 196 -20.70 -4.98 14.21
N GLY B 197 -21.22 -4.14 13.32
CA GLY B 197 -22.17 -3.11 13.75
C GLY B 197 -21.58 -1.93 14.50
N ALA B 198 -20.32 -1.65 14.23
CA ALA B 198 -19.61 -0.52 14.82
C ALA B 198 -19.06 0.36 13.70
N THR B 199 -18.33 1.40 14.07
CA THR B 199 -17.77 2.36 13.11
C THR B 199 -16.25 2.40 13.12
N TYR B 200 -15.63 2.34 14.31
CA TYR B 200 -14.22 2.63 14.46
C TYR B 200 -13.45 1.42 14.89
N PRO B 201 -12.46 0.98 14.11
CA PRO B 201 -11.63 -0.17 14.50
C PRO B 201 -10.43 0.29 15.32
N PHE B 202 -10.18 -0.40 16.44
CA PHE B 202 -8.97 -0.22 17.25
C PHE B 202 -8.13 -1.47 17.01
N LEU B 203 -7.00 -1.34 16.34
CA LEU B 203 -6.17 -2.50 16.03
C LEU B 203 -5.16 -2.78 17.12
N THR B 204 -4.96 -4.07 17.38
N THR B 204 -4.94 -4.05 17.43
CA THR B 204 -3.88 -4.46 18.29
CA THR B 204 -3.90 -4.43 18.40
C THR B 204 -2.60 -4.61 17.55
C THR B 204 -2.52 -4.66 17.71
N ASP B 205 -1.61 -5.05 18.33
N ASP B 205 -1.41 -4.63 18.49
CA ASP B 205 -0.42 -5.47 17.76
CA ASP B 205 0.00 -4.79 18.03
C ASP B 205 -0.33 -6.98 17.73
C ASP B 205 0.46 -6.26 17.79
N GLY B 206 -1.41 -7.65 18.10
N GLY B 206 -0.50 -7.16 17.70
CA GLY B 206 -1.41 -9.10 18.19
CA GLY B 206 -0.18 -8.58 17.59
C GLY B 206 -0.71 -9.51 19.47
C GLY B 206 0.34 -9.24 18.89
N ASP B 207 0.13 -8.60 20.08
CA ASP B 207 0.80 -9.02 21.30
C ASP B 207 0.11 -8.49 22.53
N THR B 208 -1.21 -8.25 22.42
CA THR B 208 -2.10 -7.87 23.51
C THR B 208 -2.18 -6.38 23.84
N ASN B 209 -1.58 -5.54 22.98
CA ASN B 209 -1.57 -4.09 23.22
C ASN B 209 -2.32 -3.33 22.14
N LEU B 210 -2.85 -2.17 22.51
CA LEU B 210 -3.46 -1.28 21.56
C LEU B 210 -2.39 -0.57 20.70
N THR B 211 -2.78 -0.26 19.45
CA THR B 211 -1.94 0.58 18.58
C THR B 211 -2.78 1.83 18.23
N GLU B 212 -3.34 1.86 17.03
CA GLU B 212 -4.10 2.98 16.52
C GLU B 212 -5.24 2.40 15.68
N GLY B 213 -6.03 3.28 15.11
CA GLY B 213 -7.09 2.89 14.23
C GLY B 213 -6.89 3.35 12.81
N SER B 214 -7.99 3.31 12.05
CA SER B 214 -8.01 3.65 10.63
CA SER B 214 -7.94 3.62 10.64
C SER B 214 -7.97 5.15 10.46
N GLY B 215 -6.80 5.74 10.68
CA GLY B 215 -6.61 7.19 10.48
C GLY B 215 -6.76 7.98 11.76
N PHE B 216 -6.48 7.41 12.90
CA PHE B 216 -6.55 8.17 14.16
C PHE B 216 -5.72 7.45 15.22
N ASN B 217 -5.27 8.23 16.21
CA ASN B 217 -4.68 7.67 17.43
C ASN B 217 -5.78 7.40 18.48
N ILE B 218 -5.45 6.51 19.43
CA ILE B 218 -6.38 6.08 20.47
C ILE B 218 -5.89 6.59 21.81
N VAL B 219 -6.81 7.16 22.59
CA VAL B 219 -6.50 7.69 23.92
C VAL B 219 -7.49 7.14 24.94
N LEU B 220 -6.94 6.60 26.06
CA LEU B 220 -7.77 6.15 27.17
C LEU B 220 -7.60 7.14 28.34
N VAL B 221 -8.63 7.19 29.18
CA VAL B 221 -8.61 8.02 30.39
C VAL B 221 -9.06 7.11 31.54
N LYS B 222 -8.28 7.08 32.61
CA LYS B 222 -8.62 6.24 33.76
C LYS B 222 -8.08 6.91 35.03
N ASN B 223 -8.98 7.11 36.00
CA ASN B 223 -8.61 7.68 37.29
C ASN B 223 -7.85 9.01 37.13
N GLY B 224 -8.32 9.82 36.17
CA GLY B 224 -7.78 11.16 35.99
C GLY B 224 -6.50 11.27 35.20
N ILE B 225 -6.02 10.15 34.69
CA ILE B 225 -4.78 10.07 33.94
C ILE B 225 -5.10 9.64 32.51
N ILE B 226 -4.39 10.26 31.55
CA ILE B 226 -4.55 9.95 30.12
C ILE B 226 -3.43 9.00 29.70
N TYR B 227 -3.78 8.00 28.89
CA TYR B 227 -2.86 7.00 28.38
C TYR B 227 -2.96 6.86 26.87
N THR B 228 -1.82 6.74 26.20
CA THR B 228 -1.86 6.51 24.75
C THR B 228 -0.63 5.73 24.34
N PRO B 229 -0.79 4.79 23.37
CA PRO B 229 0.37 3.98 22.96
C PRO B 229 1.57 4.75 22.51
N ASP B 230 2.78 4.33 22.90
N ASP B 230 2.75 4.27 22.90
CA ASP B 230 4.02 4.99 22.51
CA ASP B 230 4.02 4.88 22.61
C ASP B 230 4.69 4.48 21.24
C ASP B 230 4.80 4.34 21.46
N ARG B 231 4.31 3.31 20.80
CA ARG B 231 5.01 2.56 19.75
CA ARG B 231 4.96 2.73 19.66
C ARG B 231 3.93 1.92 18.88
N GLY B 232 4.32 1.64 17.62
CA GLY B 232 3.41 0.96 16.73
C GLY B 232 2.42 1.85 16.01
N VAL B 233 2.57 3.17 16.15
CA VAL B 233 1.59 4.14 15.72
C VAL B 233 2.26 5.38 15.10
N LEU B 234 1.45 6.16 14.37
CA LEU B 234 1.91 7.45 13.95
C LEU B 234 1.99 8.40 15.16
N ARG B 235 3.03 9.23 15.16
CA ARG B 235 3.14 10.29 16.18
C ARG B 235 2.27 11.47 15.76
N GLY B 236 0.97 11.31 16.02
CA GLY B 236 -0.01 12.27 15.49
C GLY B 236 0.23 13.68 16.00
N ILE B 237 -0.07 14.65 15.15
CA ILE B 237 0.01 16.04 15.61
CA ILE B 237 -0.02 16.08 15.53
C ILE B 237 -1.22 16.43 16.40
N THR B 238 -2.35 15.74 16.18
CA THR B 238 -3.48 15.94 17.09
C THR B 238 -3.09 15.38 18.49
N ARG B 239 -2.48 14.18 18.52
CA ARG B 239 -1.98 13.60 19.74
C ARG B 239 -1.00 14.58 20.46
N LYS B 240 -0.09 15.18 19.67
CA LYS B 240 0.84 16.17 20.20
CA LYS B 240 0.84 16.14 20.24
C LYS B 240 0.09 17.30 20.90
N SER B 241 -0.99 17.74 20.23
CA SER B 241 -1.83 18.80 20.75
C SER B 241 -2.58 18.40 22.03
N VAL B 242 -3.04 17.16 22.08
CA VAL B 242 -3.62 16.59 23.32
C VAL B 242 -2.62 16.68 24.47
N ILE B 243 -1.38 16.31 24.20
CA ILE B 243 -0.34 16.38 25.24
C ILE B 243 -0.17 17.85 25.70
N ASP B 244 -0.17 18.80 24.75
CA ASP B 244 -0.05 20.20 25.10
C ASP B 244 -1.22 20.63 26.02
N VAL B 245 -2.45 20.23 25.66
CA VAL B 245 -3.61 20.65 26.45
C VAL B 245 -3.55 19.98 27.83
N ALA B 246 -3.18 18.70 27.85
CA ALA B 246 -3.07 18.03 29.15
C ALA B 246 -2.08 18.73 30.06
N ARG B 247 -0.92 19.11 29.49
CA ARG B 247 0.11 19.79 30.28
C ARG B 247 -0.43 21.15 30.79
N ALA B 248 -1.17 21.89 29.95
CA ALA B 248 -1.71 23.18 30.36
C ALA B 248 -2.73 23.07 31.48
N ASN B 249 -3.39 21.93 31.58
CA ASN B 249 -4.38 21.65 32.58
C ASN B 249 -3.88 20.79 33.75
N SER B 250 -2.57 20.54 33.80
CA SER B 250 -2.03 19.75 34.91
CA SER B 250 -1.92 19.68 34.81
C SER B 250 -2.62 18.34 34.94
N ILE B 251 -2.95 17.78 33.78
CA ILE B 251 -3.47 16.43 33.68
C ILE B 251 -2.29 15.51 33.27
N ASP B 252 -2.12 14.45 34.05
N ASP B 252 -1.95 14.52 34.09
CA ASP B 252 -1.12 13.42 33.82
CA ASP B 252 -0.81 13.67 33.77
C ASP B 252 -1.41 12.65 32.52
C ASP B 252 -1.16 12.91 32.48
N ILE B 253 -0.45 12.67 31.60
N ILE B 253 -0.17 12.72 31.63
CA ILE B 253 -0.58 11.95 30.33
CA ILE B 253 -0.38 11.97 30.40
C ILE B 253 0.67 11.07 30.11
C ILE B 253 0.76 10.99 30.29
N ARG B 254 0.42 9.78 29.89
CA ARG B 254 1.41 8.76 29.79
C ARG B 254 1.43 8.13 28.42
N LEU B 255 2.57 8.27 27.79
CA LEU B 255 2.85 7.64 26.48
CA LEU B 255 2.87 7.71 26.52
C LEU B 255 3.63 6.40 26.79
N GLU B 256 2.95 5.27 26.67
CA GLU B 256 3.55 3.99 27.10
C GLU B 256 2.77 2.87 26.41
N VAL B 257 3.18 1.62 26.61
CA VAL B 257 2.45 0.49 26.12
CA VAL B 257 2.41 0.52 26.06
CA VAL B 257 2.39 0.52 26.07
C VAL B 257 1.11 0.45 26.86
N VAL B 258 0.02 0.32 26.13
CA VAL B 258 -1.32 0.31 26.69
C VAL B 258 -1.96 -1.04 26.36
N PRO B 259 -2.08 -1.94 27.36
N PRO B 259 -2.17 -1.89 27.38
CA PRO B 259 -2.74 -3.21 27.12
CA PRO B 259 -2.68 -3.23 27.10
C PRO B 259 -4.18 -3.05 26.65
C PRO B 259 -4.18 -3.20 26.78
N VAL B 260 -4.59 -3.94 25.75
CA VAL B 260 -5.99 -4.04 25.34
C VAL B 260 -6.95 -4.09 26.52
N GLU B 261 -6.57 -4.88 27.53
CA GLU B 261 -7.43 -5.04 28.71
C GLU B 261 -7.90 -3.70 29.25
N GLN B 262 -7.01 -2.71 29.24
CA GLN B 262 -7.34 -1.45 29.87
CA GLN B 262 -7.28 -1.40 29.84
C GLN B 262 -8.49 -0.72 29.19
N ALA B 263 -8.70 -0.95 27.89
CA ALA B 263 -9.85 -0.33 27.20
C ALA B 263 -11.18 -0.71 27.82
N TYR B 264 -11.27 -1.93 28.38
CA TYR B 264 -12.51 -2.44 28.92
C TYR B 264 -12.86 -1.88 30.30
N HIS B 265 -11.95 -1.08 30.88
CA HIS B 265 -12.13 -0.51 32.20
C HIS B 265 -11.98 1.02 32.20
N SER B 266 -11.87 1.62 31.03
CA SER B 266 -11.60 3.04 30.95
C SER B 266 -12.77 3.87 31.47
N ASP B 267 -12.44 5.01 32.10
CA ASP B 267 -13.46 6.01 32.44
C ASP B 267 -13.95 6.76 31.19
N GLU B 268 -13.04 7.00 30.24
CA GLU B 268 -13.35 7.69 29.00
C GLU B 268 -12.42 7.16 27.92
N ILE B 269 -12.87 7.25 26.68
CA ILE B 269 -12.04 6.93 25.51
C ILE B 269 -12.29 8.00 24.46
N PHE B 270 -11.22 8.41 23.76
CA PHE B 270 -11.43 9.22 22.56
C PHE B 270 -10.37 8.91 21.53
N MET B 271 -10.68 9.24 20.27
CA MET B 271 -9.77 9.18 19.17
C MET B 271 -9.29 10.57 18.83
N CYS B 272 -8.14 10.66 18.15
CA CYS B 272 -7.68 11.98 17.73
C CYS B 272 -7.02 11.90 16.37
N THR B 273 -7.30 12.91 15.53
CA THR B 273 -6.80 12.98 14.18
CA THR B 273 -6.66 13.04 14.22
C THR B 273 -7.03 14.38 13.59
N THR B 274 -6.27 14.74 12.55
CA THR B 274 -6.49 16.03 11.92
C THR B 274 -7.87 16.13 11.29
N ALA B 275 -8.33 15.05 10.65
CA ALA B 275 -9.62 15.02 9.98
C ALA B 275 -10.74 14.72 10.98
N GLY B 276 -10.98 15.69 11.87
CA GLY B 276 -12.08 15.59 12.81
C GLY B 276 -11.81 16.07 14.21
N GLY B 277 -10.54 16.04 14.62
CA GLY B 277 -10.13 16.53 15.93
C GLY B 277 -10.21 15.50 17.04
N ILE B 278 -10.98 15.83 18.09
CA ILE B 278 -11.11 15.02 19.31
C ILE B 278 -12.49 14.36 19.29
N MET B 279 -12.47 13.02 19.16
CA MET B 279 -13.67 12.28 18.75
C MET B 279 -14.01 11.25 19.83
N PRO B 280 -14.99 11.51 20.70
CA PRO B 280 -15.24 10.60 21.83
C PRO B 280 -15.76 9.25 21.36
N ILE B 281 -15.40 8.22 22.12
CA ILE B 281 -15.93 6.85 21.93
C ILE B 281 -16.69 6.46 23.18
N THR B 282 -17.98 6.20 23.00
CA THR B 282 -18.85 5.90 24.17
C THR B 282 -19.40 4.48 24.15
N LEU B 283 -19.08 3.70 23.12
CA LEU B 283 -19.43 2.28 23.08
C LEU B 283 -18.21 1.53 22.57
N LEU B 284 -17.88 0.41 23.26
CA LEU B 284 -16.76 -0.44 22.87
C LEU B 284 -17.22 -1.88 22.86
N ASP B 285 -17.05 -2.55 21.72
CA ASP B 285 -17.50 -3.93 21.60
C ASP B 285 -18.96 -4.07 22.01
N GLY B 286 -19.77 -3.07 21.69
CA GLY B 286 -21.21 -3.11 21.96
C GLY B 286 -21.63 -2.76 23.35
N GLN B 287 -20.67 -2.42 24.24
CA GLN B 287 -20.99 -2.08 25.64
C GLN B 287 -20.60 -0.65 25.94
N PRO B 288 -21.35 0.00 26.84
CA PRO B 288 -20.95 1.36 27.20
CA PRO B 288 -20.94 1.37 27.15
C PRO B 288 -19.54 1.49 27.73
N VAL B 289 -18.87 2.59 27.39
CA VAL B 289 -17.64 2.98 28.04
C VAL B 289 -18.06 3.72 29.31
N ASN B 290 -17.82 3.13 30.47
N ASN B 290 -17.70 3.22 30.48
CA ASN B 290 -18.17 3.74 31.73
CA ASN B 290 -18.22 3.74 31.75
C ASN B 290 -19.72 3.94 31.75
C ASN B 290 -19.75 3.96 31.62
N ASP B 291 -20.22 5.18 31.85
CA ASP B 291 -21.62 5.47 31.86
C ASP B 291 -22.19 5.75 30.46
N GLY B 292 -21.38 5.60 29.43
CA GLY B 292 -21.85 5.83 28.08
C GLY B 292 -21.96 7.30 27.66
N GLN B 293 -21.44 8.21 28.49
CA GLN B 293 -21.45 9.66 28.31
CA GLN B 293 -21.47 9.62 28.12
C GLN B 293 -20.08 10.14 27.84
N VAL B 294 -20.03 11.24 27.08
CA VAL B 294 -18.79 11.88 26.82
C VAL B 294 -18.28 12.42 28.16
N GLY B 295 -17.04 12.12 28.51
CA GLY B 295 -16.51 12.40 29.83
C GLY B 295 -15.88 13.77 30.00
N PRO B 296 -15.61 14.15 31.27
CA PRO B 296 -15.13 15.50 31.53
C PRO B 296 -13.72 15.79 31.02
N ILE B 297 -12.81 14.82 31.10
CA ILE B 297 -11.46 15.07 30.61
C ILE B 297 -11.48 15.20 29.08
N THR B 298 -12.25 14.33 28.43
CA THR B 298 -12.43 14.42 26.97
C THR B 298 -12.92 15.81 26.59
N LYS B 299 -13.90 16.35 27.33
CA LYS B 299 -14.40 17.68 27.02
C LYS B 299 -13.33 18.75 27.24
N LYS B 300 -12.52 18.65 28.28
CA LYS B 300 -11.46 19.62 28.49
CA LYS B 300 -11.43 19.61 28.52
C LYS B 300 -10.44 19.58 27.37
N ILE B 301 -10.09 18.38 26.93
CA ILE B 301 -9.16 18.23 25.83
C ILE B 301 -9.76 18.82 24.53
N TRP B 302 -11.02 18.50 24.26
CA TRP B 302 -11.72 19.02 23.10
C TRP B 302 -11.69 20.56 23.10
N ASP B 303 -12.05 21.17 24.23
CA ASP B 303 -12.11 22.63 24.33
CA ASP B 303 -12.11 22.62 24.26
C ASP B 303 -10.71 23.21 24.06
N GLY B 304 -9.70 22.64 24.73
CA GLY B 304 -8.36 23.18 24.58
C GLY B 304 -7.81 23.03 23.20
N TYR B 305 -8.10 21.91 22.55
CA TYR B 305 -7.68 21.64 21.20
C TYR B 305 -8.20 22.71 20.25
N TRP B 306 -9.51 22.97 20.31
CA TRP B 306 -10.08 23.96 19.41
C TRP B 306 -9.56 25.38 19.75
N GLU B 307 -9.33 25.67 21.02
CA GLU B 307 -8.76 26.97 21.36
CA GLU B 307 -8.71 26.95 21.41
C GLU B 307 -7.38 27.18 20.72
N MET B 308 -6.58 26.12 20.63
CA MET B 308 -5.25 26.22 20.02
C MET B 308 -5.31 26.70 18.58
N HIS B 309 -6.48 26.53 17.92
CA HIS B 309 -6.62 26.93 16.52
CA HIS B 309 -6.64 26.95 16.52
C HIS B 309 -6.64 28.45 16.31
N TYR B 310 -6.71 29.20 17.41
CA TYR B 310 -6.70 30.63 17.42
C TYR B 310 -5.48 31.21 18.10
N ASN B 311 -4.58 30.36 18.53
CA ASN B 311 -3.36 30.71 19.27
C ASN B 311 -2.27 30.93 18.23
N PRO B 312 -1.63 32.10 18.19
CA PRO B 312 -0.61 32.32 17.16
CA PRO B 312 -0.62 32.31 17.15
C PRO B 312 0.60 31.36 17.22
N ALA B 313 0.85 30.74 18.38
CA ALA B 313 1.92 29.78 18.50
C ALA B 313 1.67 28.52 17.65
N TYR B 314 0.40 28.26 17.34
CA TYR B 314 -0.02 27.03 16.66
C TYR B 314 -0.75 27.25 15.34
N SER B 315 -0.98 28.51 14.94
CA SER B 315 -1.86 28.78 13.79
C SER B 315 -1.56 30.11 13.20
N PHE B 316 -2.00 30.32 11.96
CA PHE B 316 -1.88 31.62 11.31
C PHE B 316 -2.97 31.75 10.28
N PRO B 317 -3.41 32.99 10.01
CA PRO B 317 -4.51 33.20 9.08
C PRO B 317 -4.07 33.22 7.62
N VAL B 318 -4.86 32.57 6.78
CA VAL B 318 -4.69 32.64 5.36
C VAL B 318 -5.33 33.96 4.86
N ASP B 319 -4.62 34.62 3.95
CA ASP B 319 -5.11 35.84 3.31
C ASP B 319 -5.91 35.44 2.07
N TYR B 320 -7.21 35.56 2.15
CA TYR B 320 -8.09 35.18 1.04
C TYR B 320 -8.21 36.29 -0.01
N GLY B 321 -7.54 37.43 0.19
CA GLY B 321 -7.44 38.50 -0.90
C GLY B 321 -8.74 39.27 -1.06
#